data_6KU3
#
_entry.id   6KU3
#
_cell.length_a   99.470
_cell.length_b   112.739
_cell.length_c   149.510
_cell.angle_alpha   90.000
_cell.angle_beta   90.000
_cell.angle_gamma   90.000
#
_symmetry.space_group_name_H-M   'P 21 21 21'
#
loop_
_entity.id
_entity.type
_entity.pdbx_description
1 polymer 'Gibberellin 2-beta-dioxygenase 3'
2 non-polymer 'GIBBERELLIN A4'
3 non-polymer '2-OXOGLUTARIC ACID'
4 non-polymer GLYCEROL
5 non-polymer 'SULFATE ION'
6 water water
#
_entity_poly.entity_id   1
_entity_poly.type   'polypeptide(L)'
_entity_poly.pdbx_seq_one_letter_code
;MVVLAGPPAVDHIPLLRSPDPGDVFSGVPVVDLGSPGAARAVVDACERYGFFKVVNHGVATDTMDKAESEAVRFFSQTQP
DKDRSGPAYPFGYGSKRIGFNGDMGWLEYLLLALDDASLADACTVPSCAVFRAALNEYISGVRKVAVRVMEAMSEGLGIA
QADALSALVTAEGSDQVFRVNHYPPCRALQGLGCSVTGFGEHTDPQLVSVLRSNGTSGLQIALRDGQWVSVPSDRDSFFV
NVGDSLQVLTNGRFKSVKHRVVANSLKSRVSFIYFGGPPLAQRIAPLPQLLGEGEQSLYKEFTWDEYKKAAYKSRLGDNR
LAQFEKK
;
_entity_poly.pdbx_strand_id   A,B,C,D
#
# COMPACT_ATOMS: atom_id res chain seq x y z
N VAL A 10 1.51 11.66 6.60
CA VAL A 10 0.51 10.80 7.26
C VAL A 10 -0.31 10.11 6.14
N ASP A 11 -0.96 9.00 6.49
CA ASP A 11 -1.70 8.17 5.53
C ASP A 11 -3.15 7.93 5.94
N HIS A 12 -3.49 8.12 7.20
CA HIS A 12 -4.83 7.97 7.76
C HIS A 12 -5.45 9.37 7.81
N ILE A 13 -6.78 9.43 7.77
CA ILE A 13 -7.49 10.71 8.03
C ILE A 13 -7.80 10.74 9.51
N PRO A 14 -7.27 11.73 10.25
CA PRO A 14 -7.50 11.73 11.71
C PRO A 14 -8.98 11.81 12.00
N LEU A 15 -9.37 11.16 13.09
CA LEU A 15 -10.70 11.29 13.63
C LEU A 15 -10.70 12.36 14.73
N LEU A 16 -11.89 12.89 14.99
CA LEU A 16 -12.10 13.88 16.03
C LEU A 16 -13.42 13.60 16.73
N ARG A 17 -13.52 14.04 17.98
CA ARG A 17 -14.77 13.93 18.72
C ARG A 17 -15.90 14.55 17.92
N SER A 18 -17.03 13.88 17.86
CA SER A 18 -18.18 14.46 17.19
C SER A 18 -18.65 15.69 17.96
N PRO A 19 -18.92 16.82 17.29
CA PRO A 19 -19.28 18.02 18.04
C PRO A 19 -20.67 17.87 18.67
N ASP A 20 -20.78 18.28 19.91
CA ASP A 20 -22.07 18.22 20.60
C ASP A 20 -22.74 19.58 20.49
N PRO A 21 -23.92 19.77 21.09
CA PRO A 21 -24.50 21.13 21.13
C PRO A 21 -23.83 22.06 22.15
N GLY A 22 -23.10 21.54 23.13
CA GLY A 22 -22.37 22.40 24.04
C GLY A 22 -21.18 23.10 23.41
N ASP A 23 -20.68 22.58 22.30
CA ASP A 23 -19.59 23.21 21.55
C ASP A 23 -20.07 24.30 20.59
N VAL A 24 -21.37 24.58 20.53
CA VAL A 24 -21.86 25.54 19.54
C VAL A 24 -21.45 26.93 19.96
N PHE A 25 -20.71 27.62 19.12
CA PHE A 25 -20.43 29.01 19.40
C PHE A 25 -21.68 29.82 19.08
N SER A 26 -22.21 30.49 20.10
CA SER A 26 -23.39 31.32 19.94
C SER A 26 -23.04 32.77 19.61
N GLY A 27 -21.82 33.20 19.89
CA GLY A 27 -21.48 34.59 19.71
C GLY A 27 -20.44 34.85 18.63
N VAL A 28 -20.52 34.15 17.50
CA VAL A 28 -19.75 34.60 16.36
C VAL A 28 -20.06 36.08 16.13
N PRO A 29 -19.08 36.95 15.89
CA PRO A 29 -19.42 38.34 15.54
C PRO A 29 -20.13 38.40 14.19
N VAL A 30 -21.09 39.31 14.10
CA VAL A 30 -21.88 39.56 12.90
C VAL A 30 -21.67 41.01 12.44
N VAL A 31 -21.38 41.19 11.17
CA VAL A 31 -21.07 42.48 10.58
C VAL A 31 -22.08 42.70 9.48
N ASP A 32 -22.92 43.72 9.66
CA ASP A 32 -23.74 44.29 8.60
C ASP A 32 -22.83 45.14 7.71
N LEU A 33 -22.58 44.66 6.49
CA LEU A 33 -21.62 45.33 5.61
C LEU A 33 -22.13 46.70 5.15
N GLY A 34 -23.45 46.83 4.97
CA GLY A 34 -24.03 48.09 4.54
C GLY A 34 -24.27 49.10 5.66
N SER A 35 -23.56 48.94 6.78
CA SER A 35 -23.77 49.77 7.95
C SER A 35 -22.52 50.58 8.27
N PRO A 36 -22.67 51.72 8.98
CA PRO A 36 -21.51 52.54 9.34
C PRO A 36 -20.71 51.98 10.51
N GLY A 37 -21.37 51.24 11.41
CA GLY A 37 -20.70 50.52 12.49
C GLY A 37 -19.88 49.32 12.03
N ALA A 38 -20.05 48.91 10.78
CA ALA A 38 -19.30 47.77 10.25
C ALA A 38 -17.82 47.86 10.58
N ALA A 39 -17.22 49.04 10.36
CA ALA A 39 -15.78 49.16 10.50
C ALA A 39 -15.34 48.90 11.94
N ARG A 40 -16.07 49.41 12.92
CA ARG A 40 -15.76 49.13 14.32
C ARG A 40 -15.97 47.64 14.63
N ALA A 41 -17.06 47.06 14.13
CA ALA A 41 -17.33 45.67 14.44
C ALA A 41 -16.27 44.76 13.80
N VAL A 42 -15.83 45.10 12.58
CA VAL A 42 -14.81 44.31 11.91
C VAL A 42 -13.49 44.32 12.68
N VAL A 43 -13.02 45.49 13.10
CA VAL A 43 -11.77 45.55 13.83
C VAL A 43 -11.87 44.78 15.14
N ASP A 44 -12.96 44.97 15.90
CA ASP A 44 -13.13 44.20 17.13
C ASP A 44 -13.09 42.70 16.85
N ALA A 45 -13.80 42.25 15.83
CA ALA A 45 -13.84 40.82 15.55
C ALA A 45 -12.48 40.32 15.11
N CYS A 46 -11.79 41.09 14.28
CA CYS A 46 -10.48 40.67 13.78
C CYS A 46 -9.46 40.56 14.91
N GLU A 47 -9.53 41.48 15.88
CA GLU A 47 -8.64 41.45 17.04
C GLU A 47 -8.98 40.28 17.96
N ARG A 48 -10.25 39.99 18.14
CA ARG A 48 -10.65 39.08 19.20
C ARG A 48 -10.88 37.66 18.76
N TYR A 49 -11.23 37.44 17.48
CA TYR A 49 -11.61 36.12 16.98
C TYR A 49 -10.85 35.77 15.70
N GLY A 50 -10.46 36.78 14.93
CA GLY A 50 -9.86 36.59 13.63
C GLY A 50 -10.85 36.12 12.59
N PHE A 51 -12.13 36.25 12.89
CA PHE A 51 -13.24 35.60 12.21
C PHE A 51 -14.50 36.39 12.46
N PHE A 52 -15.30 36.57 11.42
CA PHE A 52 -16.65 37.08 11.64
C PHE A 52 -17.57 36.67 10.51
N LYS A 53 -18.86 36.70 10.80
CA LYS A 53 -19.91 36.53 9.80
C LYS A 53 -20.26 37.85 9.16
N VAL A 54 -20.60 37.82 7.87
CA VAL A 54 -21.01 39.00 7.12
C VAL A 54 -22.40 38.78 6.55
N VAL A 55 -23.33 39.68 6.91
CA VAL A 55 -24.68 39.67 6.36
C VAL A 55 -24.97 40.95 5.58
N ASN A 56 -26.13 41.01 4.95
CA ASN A 56 -26.52 42.15 4.10
C ASN A 56 -25.36 42.54 3.19
N HIS A 57 -24.92 41.55 2.41
CA HIS A 57 -23.68 41.66 1.65
C HIS A 57 -23.88 41.95 0.18
N GLY A 58 -25.10 41.88 -0.33
CA GLY A 58 -25.33 42.25 -1.71
C GLY A 58 -24.91 41.23 -2.74
N VAL A 59 -24.78 39.95 -2.37
CA VAL A 59 -24.66 38.86 -3.32
C VAL A 59 -25.97 38.10 -3.31
N ALA A 60 -26.54 37.87 -4.49
CA ALA A 60 -27.87 37.29 -4.61
C ALA A 60 -27.86 35.83 -4.17
N THR A 61 -28.87 35.46 -3.38
CA THR A 61 -29.12 34.04 -3.10
C THR A 61 -29.10 33.21 -4.39
N ASP A 62 -29.68 33.77 -5.45
CA ASP A 62 -29.69 33.13 -6.76
C ASP A 62 -28.29 32.81 -7.24
N THR A 63 -27.39 33.80 -7.21
CA THR A 63 -26.01 33.56 -7.66
C THR A 63 -25.39 32.37 -6.92
N MET A 64 -25.58 32.31 -5.61
CA MET A 64 -25.00 31.25 -4.80
C MET A 64 -25.57 29.89 -5.19
N ASP A 65 -26.90 29.83 -5.36
CA ASP A 65 -27.55 28.56 -5.67
C ASP A 65 -27.03 27.97 -6.96
N LYS A 66 -26.80 28.80 -7.96
CA LYS A 66 -26.42 28.29 -9.26
C LYS A 66 -24.98 27.79 -9.25
N ALA A 67 -24.11 28.49 -8.54
CA ALA A 67 -22.75 28.00 -8.38
C ALA A 67 -22.77 26.68 -7.63
N GLU A 68 -23.59 26.57 -6.59
CA GLU A 68 -23.68 25.35 -5.82
C GLU A 68 -24.20 24.19 -6.67
N SER A 69 -25.30 24.39 -7.39
CA SER A 69 -25.84 23.29 -8.19
C SER A 69 -24.84 22.84 -9.25
N GLU A 70 -24.18 23.79 -9.91
CA GLU A 70 -23.16 23.39 -10.88
C GLU A 70 -21.96 22.68 -10.22
N ALA A 71 -21.60 23.04 -8.99
CA ALA A 71 -20.53 22.30 -8.33
C ALA A 71 -20.99 20.88 -7.98
N VAL A 72 -22.24 20.74 -7.48
CA VAL A 72 -22.80 19.42 -7.19
C VAL A 72 -22.80 18.55 -8.45
N ARG A 73 -23.19 19.12 -9.59
CA ARG A 73 -23.18 18.37 -10.84
C ARG A 73 -21.78 17.87 -11.16
N PHE A 74 -20.79 18.75 -11.06
CA PHE A 74 -19.42 18.32 -11.33
C PHE A 74 -19.00 17.16 -10.43
N PHE A 75 -19.31 17.24 -9.12
CA PHE A 75 -18.85 16.25 -8.14
C PHE A 75 -19.62 14.93 -8.25
N SER A 76 -20.84 14.99 -8.79
CA SER A 76 -21.61 13.78 -9.06
C SER A 76 -21.08 13.04 -10.29
N GLN A 77 -20.27 13.69 -11.10
CA GLN A 77 -19.57 12.93 -12.12
C GLN A 77 -18.92 11.68 -11.54
N THR A 78 -18.54 10.75 -12.40
CA THR A 78 -17.87 9.57 -11.87
C THR A 78 -16.42 9.90 -11.51
N GLN A 79 -15.85 9.09 -10.63
CA GLN A 79 -14.45 9.30 -10.25
C GLN A 79 -13.50 9.35 -11.44
N PRO A 80 -13.51 8.39 -12.37
CA PRO A 80 -12.62 8.54 -13.53
C PRO A 80 -12.80 9.86 -14.25
N ASP A 81 -14.03 10.35 -14.36
CA ASP A 81 -14.26 11.60 -15.07
C ASP A 81 -13.73 12.79 -14.27
N LYS A 82 -13.98 12.79 -12.96
CA LYS A 82 -13.37 13.83 -12.12
C LYS A 82 -11.85 13.80 -12.22
N ASP A 83 -11.25 12.61 -12.06
CA ASP A 83 -9.80 12.48 -12.07
C ASP A 83 -9.14 13.03 -13.33
N ARG A 84 -9.90 13.27 -14.41
CA ARG A 84 -9.27 13.84 -15.60
C ARG A 84 -9.07 15.34 -15.49
N SER A 85 -9.77 16.01 -14.57
CA SER A 85 -9.40 17.38 -14.22
C SER A 85 -8.29 17.39 -13.18
N GLY A 86 -7.89 16.23 -12.72
CA GLY A 86 -6.85 16.15 -11.72
C GLY A 86 -5.52 16.41 -12.33
N PRO A 87 -4.48 16.29 -11.49
CA PRO A 87 -4.63 16.51 -10.04
C PRO A 87 -4.72 18.04 -9.80
N ALA A 88 -4.59 18.45 -8.55
CA ALA A 88 -5.08 19.75 -8.13
C ALA A 88 -4.04 20.85 -8.31
N TYR A 89 -2.81 20.51 -8.63
CA TYR A 89 -1.78 21.51 -8.73
C TYR A 89 -1.17 21.46 -10.12
N PRO A 90 -0.91 22.63 -10.75
CA PRO A 90 -1.07 23.98 -10.17
C PRO A 90 -2.51 24.43 -9.99
N PHE A 91 -3.42 23.72 -10.65
CA PHE A 91 -4.85 23.98 -10.59
C PHE A 91 -5.56 22.70 -11.00
N GLY A 92 -6.75 22.47 -10.45
CA GLY A 92 -7.51 21.31 -10.87
C GLY A 92 -8.25 20.65 -9.72
N TYR A 93 -8.56 19.38 -9.94
CA TYR A 93 -9.34 18.56 -9.04
C TYR A 93 -8.43 17.76 -8.14
N GLY A 94 -8.82 17.60 -6.87
CA GLY A 94 -8.12 16.72 -5.96
C GLY A 94 -9.09 15.98 -5.07
N SER A 95 -8.65 14.82 -4.56
CA SER A 95 -9.44 14.13 -3.54
C SER A 95 -8.53 13.69 -2.42
N LYS A 96 -9.01 13.92 -1.20
CA LYS A 96 -8.40 13.56 0.07
C LYS A 96 -7.12 14.28 0.40
N ARG A 97 -6.17 14.34 -0.53
CA ARG A 97 -4.86 14.88 -0.23
C ARG A 97 -4.89 16.40 -0.26
N ILE A 98 -4.32 17.01 0.76
CA ILE A 98 -4.26 18.45 0.91
C ILE A 98 -2.80 18.86 0.92
N GLY A 99 -2.40 19.61 -0.07
CA GLY A 99 -1.03 20.12 -0.13
C GLY A 99 -0.08 18.99 -0.49
N PHE A 100 1.18 19.18 -0.12
CA PHE A 100 2.26 18.35 -0.62
C PHE A 100 2.84 17.40 0.42
N ASN A 101 2.51 17.54 1.69
CA ASN A 101 3.29 16.90 2.73
C ASN A 101 2.48 15.89 3.53
N GLY A 102 1.51 15.25 2.90
CA GLY A 102 0.80 14.13 3.50
C GLY A 102 -0.51 14.45 4.23
N ASP A 103 -0.91 15.70 4.36
CA ASP A 103 -2.21 15.98 4.99
C ASP A 103 -3.33 15.41 4.14
N MET A 104 -4.34 14.88 4.81
CA MET A 104 -5.49 14.25 4.19
C MET A 104 -6.76 14.68 4.91
N GLY A 105 -7.83 14.88 4.13
CA GLY A 105 -9.15 15.04 4.72
C GLY A 105 -10.21 14.29 3.94
N TRP A 106 -11.36 14.15 4.58
CA TRP A 106 -12.51 13.49 3.95
C TRP A 106 -13.22 14.50 3.04
N LEU A 107 -12.65 14.70 1.85
CA LEU A 107 -13.19 15.68 0.94
C LEU A 107 -12.63 15.45 -0.44
N GLU A 108 -13.26 16.11 -1.40
CA GLU A 108 -12.74 16.36 -2.74
C GLU A 108 -12.91 17.84 -3.03
N TYR A 109 -12.21 18.35 -4.04
CA TYR A 109 -12.22 19.78 -4.19
C TYR A 109 -11.72 20.20 -5.56
N LEU A 110 -12.00 21.46 -5.87
CA LEU A 110 -11.38 22.19 -6.97
C LEU A 110 -10.52 23.30 -6.43
N LEU A 111 -9.30 23.39 -6.92
CA LEU A 111 -8.39 24.48 -6.63
C LEU A 111 -8.22 25.30 -7.90
N LEU A 112 -8.74 26.51 -7.91
CA LEU A 112 -8.82 27.31 -9.13
C LEU A 112 -8.06 28.61 -8.99
N ALA A 113 -7.47 29.07 -10.10
CA ALA A 113 -6.75 30.32 -10.11
C ALA A 113 -7.65 31.42 -10.67
N LEU A 114 -7.48 32.63 -10.12
CA LEU A 114 -8.25 33.79 -10.53
C LEU A 114 -7.36 34.84 -11.21
N ASP A 115 -7.97 35.53 -12.15
CA ASP A 115 -7.38 36.70 -12.78
C ASP A 115 -8.41 37.80 -12.65
N ASP A 116 -8.02 38.96 -12.15
CA ASP A 116 -8.92 40.10 -12.16
C ASP A 116 -10.12 39.69 -11.30
N ALA A 117 -11.34 39.73 -11.80
CA ALA A 117 -12.51 39.42 -11.00
C ALA A 117 -13.13 38.08 -11.39
N SER A 118 -12.38 37.19 -12.02
CA SER A 118 -13.00 35.98 -12.54
C SER A 118 -11.95 34.89 -12.67
N LEU A 119 -12.41 33.72 -13.10
CA LEU A 119 -11.51 32.63 -13.41
C LEU A 119 -10.49 33.05 -14.46
N ALA A 120 -9.22 32.76 -14.20
CA ALA A 120 -8.19 32.93 -15.21
C ALA A 120 -8.40 31.94 -16.34
N ASP A 121 -8.17 32.40 -17.57
CA ASP A 121 -8.32 31.52 -18.74
C ASP A 121 -7.28 30.40 -18.74
N ALA A 122 -6.07 30.67 -18.23
CA ALA A 122 -5.04 29.63 -18.16
C ALA A 122 -5.44 28.48 -17.23
N CYS A 123 -6.39 28.70 -16.33
CA CYS A 123 -6.89 27.65 -15.44
C CYS A 123 -8.02 26.95 -16.16
N THR A 124 -7.66 25.91 -16.95
CA THR A 124 -8.59 25.27 -17.88
C THR A 124 -9.69 24.47 -17.17
N VAL A 125 -9.58 24.28 -15.87
CA VAL A 125 -10.58 23.52 -15.10
C VAL A 125 -11.48 24.52 -14.41
N PRO A 126 -12.81 24.32 -14.39
CA PRO A 126 -13.51 23.22 -15.06
C PRO A 126 -13.74 23.55 -16.55
N SER A 127 -14.04 22.53 -17.36
CA SER A 127 -14.24 22.69 -18.80
C SER A 127 -15.61 23.27 -19.14
N CYS A 128 -16.63 22.84 -18.42
CA CYS A 128 -18.01 23.17 -18.76
C CYS A 128 -18.25 24.67 -18.63
N ALA A 129 -18.62 25.30 -19.75
CA ALA A 129 -18.83 26.74 -19.75
C ALA A 129 -19.96 27.17 -18.81
N VAL A 130 -20.95 26.29 -18.57
CA VAL A 130 -22.01 26.60 -17.63
C VAL A 130 -21.46 26.73 -16.22
N PHE A 131 -20.73 25.70 -15.77
CA PHE A 131 -20.04 25.78 -14.48
C PHE A 131 -19.19 27.05 -14.41
N ARG A 132 -18.33 27.25 -15.41
CA ARG A 132 -17.47 28.41 -15.43
C ARG A 132 -18.27 29.69 -15.26
N ALA A 133 -19.39 29.79 -15.97
CA ALA A 133 -20.22 30.99 -15.96
C ALA A 133 -20.80 31.22 -14.57
N ALA A 134 -21.35 30.16 -13.98
CA ALA A 134 -21.89 30.26 -12.64
C ALA A 134 -20.78 30.65 -11.65
N LEU A 135 -19.62 30.01 -11.77
CA LEU A 135 -18.51 30.33 -10.89
C LEU A 135 -18.11 31.80 -11.03
N ASN A 136 -18.00 32.28 -12.27
CA ASN A 136 -17.55 33.66 -12.46
C ASN A 136 -18.52 34.65 -11.86
N GLU A 137 -19.84 34.40 -11.99
CA GLU A 137 -20.82 35.29 -11.37
C GLU A 137 -20.62 35.35 -9.85
N TYR A 138 -20.48 34.18 -9.22
CA TYR A 138 -20.25 34.13 -7.78
C TYR A 138 -18.93 34.82 -7.43
N ILE A 139 -17.88 34.52 -8.17
CA ILE A 139 -16.57 35.08 -7.85
C ILE A 139 -16.59 36.61 -7.88
N SER A 140 -17.21 37.18 -8.90
CA SER A 140 -17.34 38.64 -8.94
C SER A 140 -18.04 39.16 -7.70
N GLY A 141 -19.10 38.47 -7.25
CA GLY A 141 -19.78 38.92 -6.04
C GLY A 141 -18.90 38.85 -4.80
N VAL A 142 -18.20 37.73 -4.63
CA VAL A 142 -17.52 37.53 -3.35
C VAL A 142 -16.25 38.38 -3.32
N ARG A 143 -15.64 38.63 -4.47
CA ARG A 143 -14.46 39.47 -4.46
C ARG A 143 -14.80 40.90 -4.06
N LYS A 144 -15.95 41.42 -4.51
CA LYS A 144 -16.36 42.75 -4.08
C LYS A 144 -16.65 42.77 -2.59
N VAL A 145 -17.23 41.69 -2.05
CA VAL A 145 -17.41 41.62 -0.59
C VAL A 145 -16.06 41.66 0.11
N ALA A 146 -15.04 40.97 -0.44
CA ALA A 146 -13.73 40.98 0.19
C ALA A 146 -13.16 42.40 0.16
N VAL A 147 -13.37 43.11 -0.93
CA VAL A 147 -12.89 44.47 -1.05
C VAL A 147 -13.60 45.39 -0.06
N ARG A 148 -14.92 45.28 0.05
CA ARG A 148 -15.62 46.07 1.05
C ARG A 148 -15.17 45.73 2.46
N VAL A 149 -14.92 44.44 2.73
CA VAL A 149 -14.49 44.04 4.08
C VAL A 149 -13.15 44.68 4.38
N MET A 150 -12.20 44.56 3.45
CA MET A 150 -10.90 45.18 3.61
C MET A 150 -11.00 46.71 3.71
N GLU A 151 -12.03 47.31 3.10
CA GLU A 151 -12.19 48.75 3.23
C GLU A 151 -12.68 49.11 4.63
N ALA A 152 -13.61 48.33 5.17
CA ALA A 152 -14.07 48.57 6.53
C ALA A 152 -12.95 48.35 7.53
N MET A 153 -12.04 47.41 7.24
CA MET A 153 -10.91 47.17 8.13
C MET A 153 -10.06 48.42 8.25
N SER A 154 -9.70 49.01 7.10
CA SER A 154 -8.84 50.19 7.10
C SER A 154 -9.54 51.36 7.79
N GLU A 155 -10.81 51.61 7.43
CA GLU A 155 -11.56 52.67 8.08
C GLU A 155 -11.50 52.51 9.60
N GLY A 156 -11.66 51.28 10.10
CA GLY A 156 -11.68 51.03 11.53
C GLY A 156 -10.31 51.09 12.21
N LEU A 157 -9.24 50.91 11.47
CA LEU A 157 -7.92 51.13 12.01
C LEU A 157 -7.55 52.62 12.02
N GLY A 158 -8.42 53.48 11.49
CA GLY A 158 -8.11 54.89 11.38
C GLY A 158 -7.07 55.18 10.33
N ILE A 159 -7.03 54.38 9.27
CA ILE A 159 -6.15 54.65 8.13
C ILE A 159 -6.90 55.57 7.18
N ALA A 160 -6.19 56.57 6.65
CA ALA A 160 -6.81 57.58 5.79
C ALA A 160 -7.13 57.03 4.41
N GLN A 161 -6.09 56.68 3.68
CA GLN A 161 -6.16 55.99 2.39
C GLN A 161 -7.09 54.78 2.48
N ALA A 162 -8.26 54.84 1.85
CA ALA A 162 -9.31 53.85 2.10
C ALA A 162 -9.05 52.49 1.44
N ASP A 163 -8.18 52.40 0.44
CA ASP A 163 -7.84 51.13 -0.19
C ASP A 163 -6.47 50.59 0.27
N ALA A 164 -5.99 51.05 1.44
CA ALA A 164 -4.69 50.61 1.91
C ALA A 164 -4.58 49.09 2.03
N LEU A 165 -5.68 48.41 2.37
CA LEU A 165 -5.71 46.94 2.34
C LEU A 165 -6.29 46.42 1.02
N SER A 166 -7.46 46.92 0.63
CA SER A 166 -8.16 46.40 -0.54
C SER A 166 -7.31 46.45 -1.80
N ALA A 167 -6.32 47.33 -1.85
CA ALA A 167 -5.57 47.51 -3.09
C ALA A 167 -4.62 46.36 -3.35
N LEU A 168 -4.23 45.63 -2.30
CA LEU A 168 -3.31 44.52 -2.49
C LEU A 168 -3.94 43.37 -3.30
N VAL A 169 -5.26 43.25 -3.35
CA VAL A 169 -5.88 42.18 -4.11
C VAL A 169 -6.49 42.68 -5.43
N THR A 170 -6.91 43.96 -5.49
CA THR A 170 -7.39 44.51 -6.75
C THR A 170 -6.25 44.88 -7.70
N ALA A 171 -5.02 44.90 -7.19
CA ALA A 171 -3.85 45.18 -8.00
C ALA A 171 -3.64 44.12 -9.08
N GLU A 172 -2.91 44.50 -10.13
CA GLU A 172 -2.68 43.59 -11.25
C GLU A 172 -1.68 42.52 -10.85
N GLY A 173 -1.94 41.28 -11.25
CA GLY A 173 -1.13 40.17 -10.79
C GLY A 173 -1.29 39.81 -9.33
N SER A 174 -2.37 40.27 -8.66
CA SER A 174 -2.65 39.75 -7.32
C SER A 174 -2.86 38.25 -7.38
N ASP A 175 -2.41 37.55 -6.33
CA ASP A 175 -2.49 36.10 -6.25
C ASP A 175 -3.75 35.75 -5.46
N GLN A 176 -4.86 35.64 -6.18
CA GLN A 176 -6.12 35.25 -5.59
C GLN A 176 -6.42 33.84 -6.01
N VAL A 177 -6.97 33.07 -5.09
CA VAL A 177 -7.27 31.66 -5.28
C VAL A 177 -8.70 31.40 -4.88
N PHE A 178 -9.31 30.40 -5.51
CA PHE A 178 -10.71 30.10 -5.28
C PHE A 178 -10.85 28.58 -5.18
N ARG A 179 -11.43 28.11 -4.08
CA ARG A 179 -11.49 26.68 -3.83
C ARG A 179 -12.90 26.18 -3.59
N VAL A 180 -13.29 25.13 -4.31
CA VAL A 180 -14.60 24.51 -4.11
C VAL A 180 -14.40 23.19 -3.37
N ASN A 181 -14.90 23.12 -2.12
CA ASN A 181 -14.72 21.94 -1.27
C ASN A 181 -16.02 21.16 -1.18
N HIS A 182 -15.92 19.83 -1.28
CA HIS A 182 -17.05 18.92 -1.10
C HIS A 182 -16.70 17.87 -0.04
N TYR A 183 -17.45 17.90 1.10
CA TYR A 183 -17.30 16.93 2.19
C TYR A 183 -18.46 15.94 2.09
N PRO A 184 -18.26 14.78 1.46
CA PRO A 184 -19.34 13.82 1.34
C PRO A 184 -19.66 13.23 2.69
N PRO A 185 -20.82 12.58 2.82
CA PRO A 185 -21.14 11.89 4.07
C PRO A 185 -20.14 10.79 4.35
N CYS A 186 -20.08 10.39 5.62
CA CYS A 186 -19.24 9.27 6.03
C CYS A 186 -20.18 8.31 6.74
N ARG A 187 -20.93 7.54 5.96
CA ARG A 187 -21.96 6.64 6.50
C ARG A 187 -21.36 5.66 7.49
N ALA A 188 -20.11 5.25 7.23
CA ALA A 188 -19.42 4.30 8.09
C ALA A 188 -19.37 4.71 9.56
N LEU A 189 -19.59 6.00 9.89
CA LEU A 189 -19.38 6.47 11.26
C LEU A 189 -20.65 6.95 11.94
N GLN A 190 -21.82 6.71 11.34
CA GLN A 190 -23.06 7.23 11.92
C GLN A 190 -23.30 6.78 13.36
N GLY A 191 -23.50 7.73 14.28
CA GLY A 191 -23.83 7.38 15.64
C GLY A 191 -22.68 6.88 16.49
N LEU A 192 -21.45 6.83 15.95
CA LEU A 192 -20.34 6.26 16.69
C LEU A 192 -19.67 7.24 17.63
N GLY A 193 -20.08 8.50 17.64
CA GLY A 193 -19.54 9.44 18.60
C GLY A 193 -18.27 10.13 18.19
N CYS A 194 -17.63 9.65 17.13
CA CYS A 194 -16.46 10.29 16.57
C CYS A 194 -16.67 10.60 15.09
N SER A 195 -16.03 11.65 14.60
CA SER A 195 -16.20 12.06 13.21
C SER A 195 -14.86 12.05 12.52
N VAL A 196 -14.92 12.15 11.24
CA VAL A 196 -13.71 12.21 10.45
C VAL A 196 -13.41 13.66 10.09
N THR A 197 -12.11 13.96 10.02
CA THR A 197 -11.65 15.28 9.62
C THR A 197 -11.97 15.55 8.16
N GLY A 198 -12.73 16.62 7.90
CA GLY A 198 -12.95 17.05 6.53
C GLY A 198 -11.76 17.86 6.04
N PHE A 199 -11.26 18.76 6.89
CA PHE A 199 -10.14 19.65 6.55
C PHE A 199 -9.41 19.95 7.86
N GLY A 200 -8.13 19.58 7.95
CA GLY A 200 -7.40 19.73 9.20
C GLY A 200 -7.23 21.19 9.63
N GLU A 201 -6.94 21.36 10.92
CA GLU A 201 -6.75 22.71 11.43
C GLU A 201 -5.62 23.41 10.71
N HIS A 202 -5.79 24.71 10.48
CA HIS A 202 -4.79 25.56 9.88
C HIS A 202 -5.25 27.00 10.05
N THR A 203 -4.31 27.92 9.86
CA THR A 203 -4.61 29.29 9.47
C THR A 203 -4.38 29.46 7.97
N ASP A 204 -5.04 30.47 7.41
CA ASP A 204 -4.84 30.73 5.97
C ASP A 204 -3.67 31.68 5.78
N PRO A 205 -2.83 31.49 4.75
CA PRO A 205 -1.60 32.33 4.63
C PRO A 205 -1.81 33.70 4.00
N GLN A 206 -2.94 33.95 3.30
CA GLN A 206 -3.15 35.20 2.59
C GLN A 206 -3.64 36.31 3.54
N LEU A 207 -4.32 37.30 2.98
CA LEU A 207 -4.85 38.42 3.75
C LEU A 207 -6.18 38.05 4.40
N VAL A 208 -7.17 37.78 3.57
CA VAL A 208 -8.49 37.38 4.02
C VAL A 208 -8.91 36.18 3.19
N SER A 209 -9.86 35.47 3.73
CA SER A 209 -10.56 34.45 2.97
C SER A 209 -12.03 34.64 3.25
N VAL A 210 -12.85 34.40 2.22
CA VAL A 210 -14.28 34.59 2.39
C VAL A 210 -14.98 33.34 1.94
N LEU A 211 -15.81 32.80 2.84
CA LEU A 211 -16.39 31.49 2.68
C LEU A 211 -17.90 31.54 2.68
N ARG A 212 -18.51 30.68 1.87
CA ARG A 212 -19.94 30.43 1.92
C ARG A 212 -20.14 28.94 1.70
N SER A 213 -21.09 28.35 2.42
CA SER A 213 -21.38 26.93 2.30
C SER A 213 -22.88 26.72 2.19
N ASN A 214 -23.25 25.49 1.86
CA ASN A 214 -24.64 25.04 2.02
C ASN A 214 -24.92 24.84 3.50
N GLY A 215 -26.09 24.31 3.82
CA GLY A 215 -26.53 24.38 5.19
C GLY A 215 -25.96 23.34 6.12
N THR A 216 -25.13 22.45 5.59
CA THR A 216 -24.59 21.38 6.40
C THR A 216 -23.50 21.91 7.33
N SER A 217 -23.54 21.47 8.58
CA SER A 217 -22.51 21.82 9.53
C SER A 217 -21.12 21.35 9.04
N GLY A 218 -20.11 21.77 9.80
CA GLY A 218 -18.75 21.30 9.61
C GLY A 218 -17.69 22.29 10.07
N LEU A 219 -17.96 23.59 9.90
CA LEU A 219 -16.92 24.59 10.15
C LEU A 219 -16.72 24.77 11.65
N GLN A 220 -15.48 24.77 12.09
CA GLN A 220 -15.18 25.00 13.50
C GLN A 220 -13.98 25.94 13.56
N ILE A 221 -13.96 26.77 14.61
CA ILE A 221 -12.82 27.65 14.86
C ILE A 221 -12.32 27.43 16.29
N ALA A 222 -11.04 27.71 16.46
CA ALA A 222 -10.38 27.76 17.76
C ALA A 222 -10.50 29.17 18.31
N LEU A 223 -11.08 29.29 19.51
CA LEU A 223 -11.05 30.53 20.26
C LEU A 223 -9.62 30.82 20.77
N ARG A 224 -9.41 32.06 21.23
CA ARG A 224 -8.10 32.43 21.79
C ARG A 224 -7.62 31.46 22.87
N ASP A 225 -8.50 31.01 23.75
CA ASP A 225 -8.06 30.04 24.76
C ASP A 225 -7.91 28.61 24.23
N GLY A 226 -7.90 28.41 22.93
CA GLY A 226 -7.66 27.10 22.35
C GLY A 226 -8.89 26.24 22.18
N GLN A 227 -10.02 26.60 22.78
CA GLN A 227 -11.22 25.79 22.65
C GLN A 227 -11.76 25.79 21.21
N TRP A 228 -12.14 24.60 20.75
CA TRP A 228 -12.72 24.42 19.42
C TRP A 228 -14.22 24.56 19.52
N VAL A 229 -14.80 25.46 18.73
CA VAL A 229 -16.24 25.67 18.74
C VAL A 229 -16.80 25.54 17.35
N SER A 230 -18.05 25.08 17.29
CA SER A 230 -18.78 24.92 16.05
C SER A 230 -19.42 26.23 15.62
N VAL A 231 -19.25 26.58 14.35
CA VAL A 231 -19.81 27.76 13.75
C VAL A 231 -21.17 27.35 13.08
N PRO A 232 -22.28 27.92 13.46
CA PRO A 232 -23.54 27.58 12.77
C PRO A 232 -23.47 27.95 11.31
N SER A 233 -23.79 26.98 10.45
CA SER A 233 -23.83 27.21 9.02
C SER A 233 -24.95 28.15 8.64
N ASP A 234 -24.73 28.92 7.58
CA ASP A 234 -25.73 29.90 7.16
C ASP A 234 -25.52 30.08 5.67
N ARG A 235 -26.35 29.41 4.87
CA ARG A 235 -26.12 29.41 3.43
C ARG A 235 -26.31 30.78 2.79
N ASP A 236 -26.88 31.76 3.47
CA ASP A 236 -27.07 33.08 2.84
C ASP A 236 -26.07 34.12 3.29
N SER A 237 -25.13 33.77 4.16
CA SER A 237 -24.14 34.73 4.66
C SER A 237 -22.72 34.28 4.30
N PHE A 238 -21.77 35.19 4.51
CA PHE A 238 -20.36 34.88 4.39
C PHE A 238 -19.67 34.80 5.75
N PHE A 239 -18.60 34.03 5.78
CA PHE A 239 -17.70 33.93 6.92
C PHE A 239 -16.32 34.32 6.42
N VAL A 240 -15.66 35.16 7.20
CA VAL A 240 -14.42 35.80 6.80
C VAL A 240 -13.35 35.41 7.81
N ASN A 241 -12.18 35.02 7.28
CA ASN A 241 -11.01 34.68 8.09
C ASN A 241 -9.94 35.74 7.87
N VAL A 242 -9.32 36.17 8.98
CA VAL A 242 -8.05 36.85 8.94
C VAL A 242 -6.98 35.83 8.59
N GLY A 243 -6.14 36.16 7.63
CA GLY A 243 -5.02 35.33 7.26
C GLY A 243 -3.71 35.85 7.81
N ASP A 244 -2.70 34.99 7.73
CA ASP A 244 -1.38 35.29 8.27
C ASP A 244 -0.80 36.60 7.74
N SER A 245 -1.07 36.93 6.49
CA SER A 245 -0.49 38.12 5.91
C SER A 245 -1.13 39.38 6.48
N LEU A 246 -2.42 39.31 6.82
CA LEU A 246 -3.07 40.44 7.47
C LEU A 246 -2.58 40.61 8.90
N GLN A 247 -2.23 39.50 9.57
CA GLN A 247 -1.57 39.60 10.86
C GLN A 247 -0.26 40.37 10.74
N VAL A 248 0.48 40.18 9.64
CA VAL A 248 1.75 40.88 9.50
C VAL A 248 1.55 42.35 9.15
N LEU A 249 0.60 42.66 8.28
CA LEU A 249 0.29 44.05 7.93
C LEU A 249 -0.37 44.83 9.06
N THR A 250 -0.87 44.19 10.11
CA THR A 250 -1.40 44.89 11.27
C THR A 250 -0.43 44.77 12.44
N ASN A 251 0.76 44.25 12.21
CA ASN A 251 1.79 44.14 13.24
C ASN A 251 1.31 43.33 14.45
N GLY A 252 0.51 42.28 14.19
CA GLY A 252 0.05 41.42 15.25
C GLY A 252 -1.30 41.77 15.86
N ARG A 253 -1.90 42.89 15.46
CA ARG A 253 -3.18 43.31 16.05
C ARG A 253 -4.32 42.35 15.70
N PHE A 254 -4.46 42.02 14.40
CA PHE A 254 -5.37 40.99 13.91
C PHE A 254 -4.65 39.65 13.90
N LYS A 255 -5.14 38.68 14.64
CA LYS A 255 -4.54 37.35 14.63
C LYS A 255 -5.32 36.41 13.72
N SER A 256 -4.60 35.64 12.92
CA SER A 256 -5.28 34.82 11.93
C SER A 256 -6.01 33.69 12.64
N VAL A 257 -7.22 33.40 12.18
CA VAL A 257 -8.04 32.42 12.86
C VAL A 257 -7.62 31.01 12.46
N LYS A 258 -7.44 30.15 13.45
CA LYS A 258 -7.19 28.73 13.24
C LYS A 258 -8.54 28.02 13.13
N HIS A 259 -8.72 27.23 12.09
CA HIS A 259 -10.03 26.65 11.82
C HIS A 259 -9.90 25.30 11.14
N ARG A 260 -11.01 24.58 11.08
CA ARG A 260 -11.03 23.22 10.53
C ARG A 260 -12.46 22.89 10.14
N VAL A 261 -12.62 21.77 9.46
CA VAL A 261 -13.92 21.24 9.11
C VAL A 261 -14.02 19.80 9.63
N VAL A 262 -15.09 19.52 10.32
CA VAL A 262 -15.41 18.21 10.83
C VAL A 262 -16.52 17.71 9.94
N ALA A 263 -16.22 16.70 9.13
CA ALA A 263 -17.18 16.21 8.15
C ALA A 263 -18.41 15.67 8.86
N ASN A 264 -19.57 16.01 8.32
CA ASN A 264 -20.84 15.50 8.81
C ASN A 264 -21.04 14.10 8.27
N SER A 265 -21.41 13.17 9.13
CA SER A 265 -21.51 11.77 8.72
C SER A 265 -22.73 11.49 7.85
N LEU A 266 -23.75 12.33 7.92
CA LEU A 266 -25.02 12.05 7.26
C LEU A 266 -25.23 12.84 5.99
N LYS A 267 -24.75 14.09 5.93
CA LYS A 267 -25.08 15.01 4.85
C LYS A 267 -23.84 15.53 4.15
N SER A 268 -24.03 15.93 2.91
CA SER A 268 -22.96 16.53 2.11
C SER A 268 -22.84 18.05 2.37
N ARG A 269 -21.61 18.50 2.54
CA ARG A 269 -21.32 19.90 2.76
C ARG A 269 -20.46 20.47 1.62
N VAL A 270 -21.00 21.48 0.95
CA VAL A 270 -20.33 22.11 -0.18
C VAL A 270 -20.00 23.53 0.22
N SER A 271 -18.77 23.93 -0.10
CA SER A 271 -18.13 25.17 0.34
C SER A 271 -17.50 25.87 -0.85
N PHE A 272 -17.66 27.20 -0.93
CA PHE A 272 -16.79 28.02 -1.75
C PHE A 272 -15.93 28.92 -0.87
N ILE A 273 -14.66 29.11 -1.24
CA ILE A 273 -13.81 30.02 -0.50
C ILE A 273 -12.95 30.82 -1.47
N TYR A 274 -13.06 32.14 -1.35
CA TYR A 274 -12.19 33.09 -2.04
C TYR A 274 -11.03 33.41 -1.09
N PHE A 275 -9.82 33.35 -1.60
CA PHE A 275 -8.61 33.65 -0.87
C PHE A 275 -7.98 34.87 -1.51
N GLY A 276 -7.96 35.98 -0.75
CA GLY A 276 -7.43 37.24 -1.23
C GLY A 276 -5.97 37.38 -0.89
N GLY A 277 -5.09 37.17 -1.87
CA GLY A 277 -3.68 37.40 -1.68
C GLY A 277 -3.16 38.52 -2.56
N PRO A 278 -1.99 39.03 -2.24
CA PRO A 278 -1.41 40.14 -3.01
C PRO A 278 -0.62 39.62 -4.19
N PRO A 279 0.01 40.51 -4.98
CA PRO A 279 0.93 40.03 -6.03
C PRO A 279 2.13 39.35 -5.42
N LEU A 280 2.75 38.47 -6.21
CA LEU A 280 3.87 37.68 -5.69
C LEU A 280 5.04 38.56 -5.26
N ALA A 281 5.29 39.66 -5.96
CA ALA A 281 6.44 40.47 -5.59
C ALA A 281 6.19 41.37 -4.38
N GLN A 282 4.96 41.44 -3.88
CA GLN A 282 4.65 42.36 -2.80
C GLN A 282 5.45 42.06 -1.53
N ARG A 283 6.20 43.06 -1.05
CA ARG A 283 6.75 43.03 0.29
C ARG A 283 5.61 43.03 1.31
N ILE A 284 5.65 42.09 2.24
CA ILE A 284 4.64 41.96 3.28
C ILE A 284 5.25 42.52 4.57
N ALA A 285 4.69 43.62 5.06
CA ALA A 285 5.16 44.17 6.33
C ALA A 285 4.08 45.06 6.90
N PRO A 286 4.16 45.43 8.19
CA PRO A 286 3.16 46.33 8.76
C PRO A 286 2.92 47.53 7.85
N LEU A 287 1.68 47.97 7.83
CA LEU A 287 1.33 49.18 7.11
C LEU A 287 1.97 50.38 7.80
N PRO A 288 2.76 51.20 7.08
CA PRO A 288 3.43 52.34 7.73
C PRO A 288 2.55 53.07 8.72
N GLN A 289 1.29 53.32 8.32
CA GLN A 289 0.35 54.08 9.13
C GLN A 289 0.15 53.51 10.53
N LEU A 290 0.39 52.22 10.73
CA LEU A 290 0.06 51.56 11.99
C LEU A 290 1.24 51.42 12.93
N LEU A 291 2.41 51.86 12.51
CA LEU A 291 3.56 51.94 13.40
C LEU A 291 3.66 53.37 13.88
N GLY A 292 3.24 53.60 15.12
CA GLY A 292 3.59 54.84 15.78
C GLY A 292 5.10 54.97 15.87
N GLU A 293 5.59 56.21 15.75
CA GLU A 293 7.02 56.48 15.67
C GLU A 293 7.81 55.60 16.63
N GLY A 294 8.81 54.90 16.08
CA GLY A 294 9.65 54.00 16.85
C GLY A 294 9.13 52.57 16.97
N GLU A 295 7.82 52.36 16.86
CA GLU A 295 7.26 51.03 17.06
C GLU A 295 7.93 50.02 16.14
N GLN A 296 8.22 48.85 16.70
CA GLN A 296 8.98 47.82 16.01
C GLN A 296 8.06 46.76 15.41
N SER A 297 8.30 46.48 14.13
CA SER A 297 7.69 45.34 13.47
C SER A 297 8.12 44.04 14.13
N LEU A 298 7.16 43.18 14.44
CA LEU A 298 7.49 41.89 15.03
C LEU A 298 8.06 40.89 14.03
N TYR A 299 8.18 41.25 12.75
CA TYR A 299 8.37 40.25 11.70
C TYR A 299 9.58 40.55 10.83
N LYS A 300 10.33 39.50 10.50
CA LYS A 300 11.30 39.58 9.41
C LYS A 300 10.59 40.05 8.14
N GLU A 301 11.35 40.55 7.18
CA GLU A 301 10.77 41.01 5.93
C GLU A 301 10.72 39.86 4.94
N PHE A 302 9.67 39.84 4.14
CA PHE A 302 9.49 38.75 3.21
C PHE A 302 8.48 39.20 2.16
N THR A 303 8.39 38.42 1.13
CA THR A 303 7.50 38.67 0.02
C THR A 303 6.46 37.56 -0.04
N TRP A 304 5.32 37.84 -0.69
CA TRP A 304 4.24 36.85 -0.74
C TRP A 304 4.76 35.54 -1.33
N ASP A 305 5.47 35.63 -2.44
CA ASP A 305 6.09 34.46 -3.07
C ASP A 305 6.91 33.65 -2.09
N GLU A 306 7.71 34.31 -1.25
CA GLU A 306 8.49 33.59 -0.24
C GLU A 306 7.57 32.93 0.78
N TYR A 307 6.56 33.66 1.28
CA TYR A 307 5.67 33.10 2.30
C TYR A 307 4.88 31.94 1.70
N LYS A 308 4.40 32.14 0.48
CA LYS A 308 3.60 31.12 -0.17
C LYS A 308 4.40 29.86 -0.40
N LYS A 309 5.67 30.00 -0.84
CA LYS A 309 6.49 28.80 -1.04
C LYS A 309 6.86 28.14 0.28
N ALA A 310 7.26 28.91 1.29
CA ALA A 310 7.49 28.28 2.58
C ALA A 310 6.24 27.57 3.07
N ALA A 311 5.06 28.12 2.74
CA ALA A 311 3.81 27.50 3.16
C ALA A 311 3.63 26.13 2.53
N TYR A 312 3.94 26.02 1.23
CA TYR A 312 3.75 24.74 0.57
C TYR A 312 4.80 23.72 1.01
N LYS A 313 5.93 24.15 1.56
CA LYS A 313 6.85 23.20 2.17
C LYS A 313 6.38 22.73 3.55
N SER A 314 5.36 23.37 4.15
CA SER A 314 4.93 23.02 5.50
C SER A 314 3.79 22.00 5.52
N ARG A 315 3.43 21.59 6.73
CA ARG A 315 2.25 20.79 6.96
C ARG A 315 1.12 21.72 7.38
N LEU A 316 -0.11 21.27 7.13
CA LEU A 316 -1.29 22.10 7.29
C LEU A 316 -1.37 22.76 8.66
N GLY A 317 -1.20 21.99 9.73
CA GLY A 317 -1.26 22.54 11.06
C GLY A 317 -0.04 23.34 11.54
N ASP A 318 1.02 23.45 10.73
CA ASP A 318 2.21 24.12 11.19
C ASP A 318 1.92 25.60 11.40
N ASN A 319 2.58 26.17 12.41
CA ASN A 319 2.57 27.62 12.57
C ASN A 319 3.51 28.22 11.55
N ARG A 320 2.99 28.62 10.40
CA ARG A 320 3.86 29.10 9.34
C ARG A 320 4.43 30.47 9.65
N LEU A 321 3.76 31.24 10.49
CA LEU A 321 4.17 32.60 10.81
C LEU A 321 5.42 32.64 11.68
N ALA A 322 5.69 31.56 12.43
CA ALA A 322 6.76 31.57 13.42
C ALA A 322 8.13 31.80 12.78
N GLN A 323 8.44 31.10 11.68
CA GLN A 323 9.78 31.23 11.13
C GLN A 323 10.02 32.64 10.60
N PHE A 324 8.96 33.42 10.33
CA PHE A 324 9.10 34.81 9.90
C PHE A 324 8.89 35.78 11.06
N GLU A 325 8.91 35.32 12.31
CA GLU A 325 8.93 36.19 13.48
C GLU A 325 10.36 36.55 13.89
N LYS A 326 10.50 37.69 14.55
CA LYS A 326 11.80 38.12 15.09
C LYS A 326 12.12 37.42 16.42
N VAL B 10 -7.00 -4.85 3.38
CA VAL B 10 -8.35 -5.36 3.16
C VAL B 10 -9.33 -4.64 4.09
N ASP B 11 -9.52 -3.33 3.84
CA ASP B 11 -10.33 -2.43 4.67
C ASP B 11 -9.56 -2.20 5.97
N HIS B 12 -10.06 -1.31 6.86
CA HIS B 12 -9.36 -0.98 8.10
C HIS B 12 -9.98 -1.75 9.27
N ILE B 13 -9.53 -1.42 10.47
CA ILE B 13 -10.10 -1.98 11.69
C ILE B 13 -11.42 -1.25 11.97
N PRO B 14 -12.53 -1.96 12.16
CA PRO B 14 -13.79 -1.25 12.39
C PRO B 14 -13.74 -0.46 13.69
N LEU B 15 -14.48 0.64 13.70
CA LEU B 15 -14.72 1.39 14.93
C LEU B 15 -16.05 0.98 15.50
N LEU B 16 -16.19 1.20 16.82
CA LEU B 16 -17.38 0.89 17.58
C LEU B 16 -17.67 2.06 18.53
N ARG B 17 -18.92 2.22 18.91
CA ARG B 17 -19.19 3.22 19.95
C ARG B 17 -18.49 2.81 21.24
N SER B 18 -17.80 3.75 21.87
CA SER B 18 -17.09 3.46 23.10
C SER B 18 -18.05 2.87 24.14
N PRO B 19 -17.61 1.86 24.91
CA PRO B 19 -18.52 1.27 25.91
C PRO B 19 -18.76 2.22 27.07
N ASP B 20 -20.04 2.35 27.43
CA ASP B 20 -20.51 3.03 28.62
C ASP B 20 -20.08 2.29 29.88
N PRO B 21 -20.20 2.92 31.04
CA PRO B 21 -20.34 2.14 32.29
C PRO B 21 -21.74 1.63 32.51
N GLY B 22 -22.75 2.24 31.88
CA GLY B 22 -24.06 1.63 31.85
C GLY B 22 -24.08 0.26 31.16
N ASP B 23 -23.03 -0.07 30.42
CA ASP B 23 -22.90 -1.33 29.69
C ASP B 23 -22.31 -2.46 30.54
N VAL B 24 -21.74 -2.16 31.70
CA VAL B 24 -21.12 -3.18 32.51
C VAL B 24 -22.15 -4.24 32.90
N PHE B 25 -21.68 -5.47 33.12
CA PHE B 25 -22.58 -6.59 33.38
C PHE B 25 -22.15 -7.32 34.64
N SER B 26 -22.90 -7.12 35.71
CA SER B 26 -22.58 -7.74 36.99
C SER B 26 -23.11 -9.15 37.11
N GLY B 27 -24.04 -9.55 36.26
CA GLY B 27 -24.64 -10.86 36.35
C GLY B 27 -23.89 -12.02 35.75
N VAL B 28 -22.65 -11.82 35.34
CA VAL B 28 -21.90 -12.96 34.81
C VAL B 28 -21.93 -14.07 35.86
N PRO B 29 -22.33 -15.29 35.52
CA PRO B 29 -22.36 -16.36 36.52
C PRO B 29 -20.97 -16.78 36.94
N VAL B 30 -20.83 -17.12 38.21
CA VAL B 30 -19.53 -17.48 38.79
C VAL B 30 -19.61 -18.90 39.29
N VAL B 31 -18.66 -19.72 38.87
CA VAL B 31 -18.68 -21.13 39.13
C VAL B 31 -17.47 -21.47 39.97
N ASP B 32 -17.70 -22.08 41.13
CA ASP B 32 -16.63 -22.61 41.97
C ASP B 32 -16.49 -24.06 41.60
N LEU B 33 -15.46 -24.37 40.83
CA LEU B 33 -15.34 -25.72 40.29
C LEU B 33 -15.23 -26.73 41.41
N GLY B 34 -14.26 -26.54 42.30
CA GLY B 34 -14.21 -27.32 43.52
C GLY B 34 -15.37 -26.90 44.40
N SER B 35 -16.51 -27.59 44.30
CA SER B 35 -17.65 -27.19 45.09
C SER B 35 -18.90 -27.99 44.73
N PRO B 36 -19.87 -28.08 45.65
CA PRO B 36 -21.13 -28.73 45.32
C PRO B 36 -22.06 -27.75 44.60
N GLY B 37 -22.78 -28.28 43.62
CA GLY B 37 -23.62 -27.42 42.81
C GLY B 37 -22.90 -26.73 41.67
N ALA B 38 -21.61 -27.04 41.45
CA ALA B 38 -20.90 -26.47 40.32
C ALA B 38 -21.46 -27.00 38.99
N ALA B 39 -21.64 -28.31 38.88
CA ALA B 39 -22.22 -28.90 37.68
C ALA B 39 -23.54 -28.23 37.31
N ARG B 40 -24.39 -27.93 38.29
CA ARG B 40 -25.65 -27.32 37.95
C ARG B 40 -25.49 -25.86 37.57
N ALA B 41 -24.54 -25.17 38.19
CA ALA B 41 -24.31 -23.79 37.83
C ALA B 41 -23.73 -23.66 36.43
N VAL B 42 -22.88 -24.61 36.03
CA VAL B 42 -22.32 -24.63 34.68
C VAL B 42 -23.44 -24.74 33.65
N VAL B 43 -24.28 -25.79 33.78
CA VAL B 43 -25.38 -26.00 32.84
C VAL B 43 -26.23 -24.76 32.73
N ASP B 44 -26.62 -24.20 33.87
CA ASP B 44 -27.51 -23.03 33.86
C ASP B 44 -26.87 -21.87 33.11
N ALA B 45 -25.58 -21.61 33.37
CA ALA B 45 -24.93 -20.50 32.70
C ALA B 45 -24.81 -20.77 31.21
N CYS B 46 -24.42 -21.99 30.84
CA CYS B 46 -24.27 -22.34 29.44
C CYS B 46 -25.59 -22.21 28.70
N GLU B 47 -26.71 -22.46 29.40
CA GLU B 47 -28.02 -22.38 28.74
C GLU B 47 -28.42 -20.93 28.50
N ARG B 48 -28.27 -20.06 29.50
CA ARG B 48 -28.76 -18.70 29.32
C ARG B 48 -27.71 -17.74 28.74
N TYR B 49 -26.41 -18.02 28.90
CA TYR B 49 -25.41 -17.07 28.39
C TYR B 49 -24.38 -17.64 27.43
N GLY B 50 -24.06 -18.94 27.53
CA GLY B 50 -22.96 -19.54 26.81
C GLY B 50 -21.59 -19.16 27.32
N PHE B 51 -21.49 -18.72 28.58
CA PHE B 51 -20.39 -17.97 29.14
C PHE B 51 -20.49 -17.91 30.66
N PHE B 52 -19.37 -18.13 31.36
CA PHE B 52 -19.33 -18.00 32.82
C PHE B 52 -17.90 -17.84 33.32
N LYS B 53 -17.78 -17.29 34.51
CA LYS B 53 -16.50 -17.16 35.19
C LYS B 53 -16.22 -18.37 36.07
N VAL B 54 -14.96 -18.81 36.10
CA VAL B 54 -14.51 -19.90 36.96
C VAL B 54 -13.53 -19.36 38.00
N VAL B 55 -13.79 -19.67 39.27
CA VAL B 55 -12.95 -19.30 40.40
C VAL B 55 -12.46 -20.57 41.09
N ASN B 56 -11.48 -20.40 42.00
CA ASN B 56 -10.93 -21.48 42.82
C ASN B 56 -10.59 -22.69 41.97
N HIS B 57 -10.02 -22.41 40.82
CA HIS B 57 -9.67 -23.39 39.80
C HIS B 57 -8.34 -24.07 40.04
N GLY B 58 -7.57 -23.58 41.01
CA GLY B 58 -6.36 -24.27 41.40
C GLY B 58 -5.16 -24.06 40.52
N VAL B 59 -5.19 -23.11 39.60
CA VAL B 59 -4.02 -22.77 38.81
C VAL B 59 -3.33 -21.63 39.54
N ALA B 60 -2.04 -21.78 39.81
CA ALA B 60 -1.37 -20.88 40.72
C ALA B 60 -1.27 -19.49 40.08
N THR B 61 -1.52 -18.46 40.88
CA THR B 61 -1.33 -17.09 40.41
C THR B 61 0.11 -16.84 40.00
N ASP B 62 1.07 -17.54 40.63
CA ASP B 62 2.47 -17.49 40.21
C ASP B 62 2.64 -17.88 38.73
N THR B 63 2.03 -18.99 38.30
CA THR B 63 2.28 -19.40 36.92
C THR B 63 1.53 -18.48 35.96
N MET B 64 0.35 -18.00 36.34
CA MET B 64 -0.32 -17.01 35.52
C MET B 64 0.52 -15.76 35.37
N ASP B 65 1.13 -15.28 36.45
CA ASP B 65 1.84 -14.02 36.41
C ASP B 65 3.09 -14.11 35.55
N LYS B 66 3.80 -15.24 35.65
CA LYS B 66 5.02 -15.46 34.88
C LYS B 66 4.74 -15.65 33.39
N ALA B 67 3.67 -16.37 33.03
CA ALA B 67 3.26 -16.44 31.62
C ALA B 67 2.98 -15.05 31.08
N GLU B 68 2.17 -14.28 31.79
CA GLU B 68 1.92 -12.91 31.35
C GLU B 68 3.21 -12.10 31.22
N SER B 69 4.08 -12.16 32.22
CA SER B 69 5.28 -11.35 32.17
C SER B 69 6.13 -11.69 30.94
N GLU B 70 6.30 -12.97 30.65
CA GLU B 70 7.04 -13.38 29.45
C GLU B 70 6.35 -12.92 28.17
N ALA B 71 5.03 -13.01 28.11
CA ALA B 71 4.28 -12.48 26.98
C ALA B 71 4.47 -10.98 26.80
N VAL B 72 4.35 -10.21 27.88
CA VAL B 72 4.54 -8.76 27.77
C VAL B 72 5.94 -8.46 27.25
N ARG B 73 6.93 -9.20 27.73
CA ARG B 73 8.32 -9.04 27.27
C ARG B 73 8.44 -9.29 25.76
N PHE B 74 7.89 -10.41 25.29
CA PHE B 74 7.88 -10.69 23.87
C PHE B 74 7.25 -9.55 23.05
N PHE B 75 6.06 -9.10 23.45
CA PHE B 75 5.37 -8.09 22.67
C PHE B 75 6.04 -6.72 22.76
N SER B 76 6.89 -6.51 23.76
CA SER B 76 7.62 -5.24 23.85
C SER B 76 8.82 -5.21 22.91
N GLN B 77 9.19 -6.34 22.32
CA GLN B 77 10.21 -6.25 21.30
C GLN B 77 9.79 -5.31 20.16
N THR B 78 10.75 -5.04 19.29
CA THR B 78 10.51 -4.17 18.16
C THR B 78 9.75 -4.94 17.08
N GLN B 79 9.02 -4.19 16.25
CA GLN B 79 8.21 -4.84 15.23
C GLN B 79 9.03 -5.73 14.32
N PRO B 80 10.22 -5.35 13.83
CA PRO B 80 11.01 -6.32 13.06
C PRO B 80 11.41 -7.55 13.85
N ASP B 81 11.71 -7.43 15.14
CA ASP B 81 12.11 -8.64 15.88
C ASP B 81 10.92 -9.59 16.06
N LYS B 82 9.72 -9.02 16.28
CA LYS B 82 8.53 -9.87 16.39
C LYS B 82 8.19 -10.48 15.03
N ASP B 83 8.32 -9.72 13.95
CA ASP B 83 7.98 -10.21 12.63
C ASP B 83 8.79 -11.45 12.26
N ARG B 84 9.95 -11.68 12.90
CA ARG B 84 10.68 -12.90 12.63
C ARG B 84 9.94 -14.14 13.06
N SER B 85 8.99 -14.01 13.99
CA SER B 85 8.20 -15.17 14.39
C SER B 85 6.90 -15.28 13.62
N GLY B 86 6.66 -14.38 12.69
CA GLY B 86 5.44 -14.39 11.91
C GLY B 86 5.64 -14.84 10.47
N PRO B 87 4.55 -15.03 9.71
CA PRO B 87 3.18 -14.80 10.20
C PRO B 87 2.60 -15.96 11.03
N ALA B 88 1.31 -15.86 11.30
CA ALA B 88 0.66 -16.60 12.37
C ALA B 88 0.20 -17.98 11.95
N TYR B 89 0.36 -18.34 10.68
CA TYR B 89 -0.13 -19.58 10.11
C TYR B 89 0.97 -20.36 9.40
N PRO B 90 1.07 -21.67 9.62
CA PRO B 90 0.24 -22.50 10.49
C PRO B 90 0.30 -22.19 12.00
N PHE B 91 1.36 -21.52 12.46
CA PHE B 91 1.51 -21.06 13.83
C PHE B 91 2.51 -19.90 13.83
N GLY B 92 2.51 -19.11 14.91
CA GLY B 92 3.45 -18.01 14.98
C GLY B 92 2.80 -16.71 15.35
N TYR B 93 3.47 -15.63 14.96
CA TYR B 93 3.15 -14.29 15.40
C TYR B 93 2.37 -13.58 14.31
N GLY B 94 1.35 -12.82 14.71
CA GLY B 94 0.52 -12.09 13.78
C GLY B 94 0.27 -10.70 14.31
N SER B 95 -0.04 -9.79 13.37
CA SER B 95 -0.29 -8.39 13.66
C SER B 95 -1.50 -7.92 12.87
N LYS B 96 -2.53 -7.46 13.57
CA LYS B 96 -3.75 -6.87 13.00
C LYS B 96 -4.65 -7.84 12.24
N ARG B 97 -4.11 -8.62 11.34
CA ARG B 97 -4.91 -9.48 10.49
C ARG B 97 -5.36 -10.71 11.25
N ILE B 98 -6.65 -11.01 11.14
CA ILE B 98 -7.27 -12.12 11.82
C ILE B 98 -7.83 -13.03 10.75
N GLY B 99 -7.36 -14.26 10.71
CA GLY B 99 -7.83 -15.19 9.69
C GLY B 99 -7.35 -14.76 8.30
N PHE B 100 -8.04 -15.31 7.30
CA PHE B 100 -7.62 -15.26 5.91
C PHE B 100 -8.41 -14.30 5.05
N ASN B 101 -9.51 -13.74 5.56
CA ASN B 101 -10.50 -13.11 4.70
C ASN B 101 -10.71 -11.64 4.96
N GLY B 102 -9.69 -10.94 5.44
CA GLY B 102 -9.74 -9.48 5.53
C GLY B 102 -10.06 -8.88 6.91
N ASP B 103 -10.45 -9.70 7.89
CA ASP B 103 -10.77 -9.16 9.22
C ASP B 103 -9.54 -8.56 9.88
N MET B 104 -9.75 -7.51 10.65
CA MET B 104 -8.62 -6.90 11.32
C MET B 104 -9.06 -6.37 12.66
N GLY B 105 -8.11 -6.32 13.58
CA GLY B 105 -8.33 -5.73 14.88
C GLY B 105 -7.09 -4.97 15.32
N TRP B 106 -7.28 -4.16 16.33
CA TRP B 106 -6.15 -3.50 16.95
C TRP B 106 -5.48 -4.52 17.90
N LEU B 107 -4.67 -5.39 17.32
CA LEU B 107 -4.02 -6.39 18.15
C LEU B 107 -2.81 -6.95 17.46
N GLU B 108 -2.01 -7.64 18.27
CA GLU B 108 -0.95 -8.52 17.83
C GLU B 108 -1.08 -9.79 18.68
N TYR B 109 -0.55 -10.90 18.19
CA TYR B 109 -0.85 -12.16 18.88
C TYR B 109 0.10 -13.26 18.46
N LEU B 110 0.06 -14.32 19.25
CA LEU B 110 0.73 -15.59 19.00
C LEU B 110 -0.36 -16.62 18.88
N LEU B 111 -0.31 -17.40 17.81
CA LEU B 111 -1.25 -18.50 17.60
C LEU B 111 -0.41 -19.76 17.61
N LEU B 112 -0.71 -20.66 18.53
CA LEU B 112 0.17 -21.77 18.87
C LEU B 112 -0.66 -23.04 18.92
N ALA B 113 0.05 -24.16 18.82
CA ALA B 113 -0.54 -25.49 18.72
C ALA B 113 -0.06 -26.34 19.87
N LEU B 114 -0.97 -27.14 20.45
CA LEU B 114 -0.68 -28.01 21.56
C LEU B 114 -0.63 -29.47 21.12
N ASP B 115 0.18 -30.26 21.82
CA ASP B 115 0.10 -31.71 21.80
C ASP B 115 -0.23 -32.14 23.23
N ASP B 116 -1.43 -32.70 23.41
CA ASP B 116 -1.88 -33.06 24.74
C ASP B 116 -1.96 -31.85 25.68
N ALA B 117 -1.01 -31.67 26.61
CA ALA B 117 -1.10 -30.56 27.57
C ALA B 117 0.12 -29.66 27.53
N SER B 118 0.77 -29.60 26.38
CA SER B 118 1.97 -28.79 26.23
C SER B 118 1.94 -28.17 24.85
N LEU B 119 2.79 -27.16 24.66
CA LEU B 119 3.08 -26.73 23.30
C LEU B 119 3.52 -27.92 22.48
N ALA B 120 3.16 -27.92 21.20
CA ALA B 120 3.65 -28.94 20.29
C ALA B 120 5.09 -28.63 19.89
N ASP B 121 5.93 -29.66 19.84
CA ASP B 121 7.30 -29.42 19.40
C ASP B 121 7.32 -28.94 17.96
N ALA B 122 6.33 -29.32 17.16
CA ALA B 122 6.25 -28.78 15.80
C ALA B 122 6.05 -27.28 15.82
N CYS B 123 5.37 -26.77 16.86
CA CYS B 123 5.14 -25.34 17.01
C CYS B 123 6.36 -24.69 17.62
N THR B 124 7.27 -24.23 16.77
CA THR B 124 8.59 -23.74 17.18
C THR B 124 8.56 -22.31 17.71
N VAL B 125 7.45 -21.59 17.56
CA VAL B 125 7.24 -20.30 18.22
C VAL B 125 6.55 -20.54 19.56
N PRO B 126 6.99 -19.87 20.64
CA PRO B 126 8.18 -19.00 20.77
C PRO B 126 9.44 -19.83 20.92
N SER B 127 10.57 -19.28 20.49
CA SER B 127 11.85 -19.99 20.53
C SER B 127 12.52 -19.84 21.89
N CYS B 128 12.41 -18.66 22.51
CA CYS B 128 12.99 -18.41 23.83
C CYS B 128 12.50 -19.44 24.84
N ALA B 129 13.44 -20.21 25.40
CA ALA B 129 13.10 -21.33 26.29
C ALA B 129 12.36 -20.89 27.55
N VAL B 130 12.64 -19.69 28.06
CA VAL B 130 11.98 -19.20 29.28
C VAL B 130 10.51 -18.87 29.01
N PHE B 131 10.22 -18.21 27.89
CA PHE B 131 8.83 -17.99 27.48
C PHE B 131 8.10 -19.32 27.30
N ARG B 132 8.68 -20.23 26.50
CA ARG B 132 8.10 -21.55 26.26
C ARG B 132 7.80 -22.29 27.56
N ALA B 133 8.74 -22.24 28.51
CA ALA B 133 8.54 -22.94 29.78
C ALA B 133 7.45 -22.27 30.62
N ALA B 134 7.38 -20.95 30.64
CA ALA B 134 6.27 -20.32 31.37
C ALA B 134 4.94 -20.60 30.67
N LEU B 135 4.95 -20.64 29.33
CA LEU B 135 3.70 -20.97 28.65
C LEU B 135 3.28 -22.39 28.99
N ASN B 136 4.21 -23.34 28.98
CA ASN B 136 3.85 -24.73 29.19
C ASN B 136 3.26 -24.98 30.58
N GLU B 137 3.79 -24.31 31.62
CA GLU B 137 3.20 -24.45 32.94
C GLU B 137 1.77 -23.91 32.95
N TYR B 138 1.57 -22.75 32.34
CA TYR B 138 0.22 -22.22 32.30
C TYR B 138 -0.72 -23.16 31.52
N ILE B 139 -0.24 -23.70 30.40
CA ILE B 139 -1.09 -24.50 29.51
C ILE B 139 -1.53 -25.79 30.20
N SER B 140 -0.59 -26.49 30.82
CA SER B 140 -0.92 -27.59 31.70
C SER B 140 -2.04 -27.23 32.66
N GLY B 141 -1.89 -26.14 33.39
CA GLY B 141 -2.95 -25.73 34.29
C GLY B 141 -4.27 -25.50 33.58
N VAL B 142 -4.25 -24.73 32.50
CA VAL B 142 -5.55 -24.34 31.94
C VAL B 142 -6.21 -25.55 31.30
N ARG B 143 -5.43 -26.46 30.74
CA ARG B 143 -6.01 -27.66 30.13
C ARG B 143 -6.75 -28.51 31.17
N LYS B 144 -6.21 -28.63 32.40
CA LYS B 144 -6.92 -29.37 33.46
C LYS B 144 -8.21 -28.67 33.86
N VAL B 145 -8.20 -27.34 33.92
CA VAL B 145 -9.43 -26.61 34.18
C VAL B 145 -10.44 -26.90 33.08
N ALA B 146 -9.99 -26.90 31.81
CA ALA B 146 -10.93 -27.16 30.73
C ALA B 146 -11.57 -28.54 30.89
N VAL B 147 -10.75 -29.54 31.20
CA VAL B 147 -11.29 -30.89 31.38
C VAL B 147 -12.31 -30.91 32.51
N ARG B 148 -12.01 -30.22 33.62
CA ARG B 148 -12.92 -30.17 34.76
C ARG B 148 -14.22 -29.45 34.41
N VAL B 149 -14.13 -28.38 33.62
CA VAL B 149 -15.34 -27.68 33.20
C VAL B 149 -16.24 -28.63 32.39
N MET B 150 -15.65 -29.45 31.53
CA MET B 150 -16.40 -30.32 30.64
C MET B 150 -16.96 -31.54 31.34
N GLU B 151 -16.30 -32.02 32.39
CA GLU B 151 -16.87 -33.04 33.25
C GLU B 151 -18.05 -32.47 34.03
N ALA B 152 -17.92 -31.24 34.54
CA ALA B 152 -19.05 -30.60 35.17
C ALA B 152 -20.21 -30.41 34.20
N MET B 153 -19.92 -30.21 32.90
CA MET B 153 -21.00 -30.11 31.92
C MET B 153 -21.73 -31.44 31.80
N SER B 154 -21.01 -32.51 31.43
CA SER B 154 -21.65 -33.79 31.23
C SER B 154 -22.37 -34.26 32.50
N GLU B 155 -21.88 -33.84 33.68
CA GLU B 155 -22.54 -34.23 34.92
C GLU B 155 -23.84 -33.44 35.15
N GLY B 156 -23.79 -32.12 35.00
CA GLY B 156 -24.99 -31.35 35.13
C GLY B 156 -26.01 -31.61 34.04
N LEU B 157 -25.59 -32.27 32.97
CA LEU B 157 -26.50 -32.73 31.92
C LEU B 157 -26.95 -34.18 32.16
N GLY B 158 -26.55 -34.79 33.27
CA GLY B 158 -27.02 -36.12 33.57
C GLY B 158 -26.35 -37.21 32.80
N ILE B 159 -25.16 -36.95 32.26
CA ILE B 159 -24.48 -37.95 31.44
C ILE B 159 -23.72 -38.89 32.37
N ALA B 160 -24.07 -40.17 32.33
CA ALA B 160 -23.38 -41.17 33.12
C ALA B 160 -21.91 -41.25 32.75
N GLN B 161 -21.62 -41.32 31.46
CA GLN B 161 -20.24 -41.29 31.00
C GLN B 161 -19.58 -40.00 31.49
N ALA B 162 -18.51 -40.14 32.26
CA ALA B 162 -17.96 -38.95 32.90
C ALA B 162 -17.11 -38.15 31.94
N ASP B 163 -16.43 -38.81 31.00
CA ASP B 163 -15.60 -38.15 30.00
C ASP B 163 -16.35 -37.87 28.69
N ALA B 164 -17.68 -37.96 28.69
CA ALA B 164 -18.44 -37.82 27.44
C ALA B 164 -17.98 -36.60 26.64
N LEU B 165 -17.77 -35.46 27.30
CA LEU B 165 -17.28 -34.26 26.61
C LEU B 165 -15.75 -34.21 26.65
N SER B 166 -15.18 -34.27 27.87
CA SER B 166 -13.75 -34.11 28.06
C SER B 166 -12.91 -35.02 27.18
N ALA B 167 -13.39 -36.23 26.89
CA ALA B 167 -12.55 -37.15 26.14
C ALA B 167 -12.25 -36.65 24.73
N LEU B 168 -13.07 -35.74 24.22
CA LEU B 168 -12.83 -35.23 22.88
C LEU B 168 -11.54 -34.40 22.79
N VAL B 169 -11.16 -33.69 23.84
CA VAL B 169 -9.91 -32.95 23.83
C VAL B 169 -8.72 -33.70 24.46
N THR B 170 -8.98 -34.70 25.30
CA THR B 170 -7.89 -35.54 25.79
C THR B 170 -7.50 -36.63 24.81
N ALA B 171 -8.36 -36.91 23.84
CA ALA B 171 -8.04 -37.90 22.82
C ALA B 171 -6.74 -37.57 22.13
N GLU B 172 -6.09 -38.60 21.60
CA GLU B 172 -4.90 -38.40 20.82
C GLU B 172 -5.27 -37.63 19.55
N GLY B 173 -4.43 -36.67 19.19
CA GLY B 173 -4.72 -35.89 18.00
C GLY B 173 -5.85 -34.88 18.12
N SER B 174 -6.39 -34.64 19.32
CA SER B 174 -7.14 -33.42 19.58
C SER B 174 -6.57 -32.24 18.81
N ASP B 175 -7.44 -31.39 18.31
CA ASP B 175 -7.07 -30.12 17.72
C ASP B 175 -7.25 -29.07 18.80
N GLN B 176 -6.22 -28.83 19.58
CA GLN B 176 -6.29 -27.85 20.66
C GLN B 176 -5.42 -26.69 20.26
N VAL B 177 -5.98 -25.51 20.36
CA VAL B 177 -5.26 -24.31 19.97
C VAL B 177 -5.04 -23.42 21.19
N PHE B 178 -3.95 -22.66 21.15
CA PHE B 178 -3.62 -21.75 22.23
C PHE B 178 -3.20 -20.41 21.64
N ARG B 179 -3.89 -19.35 22.04
CA ARG B 179 -3.63 -18.02 21.49
C ARG B 179 -3.37 -16.97 22.56
N VAL B 180 -2.29 -16.21 22.35
CA VAL B 180 -1.92 -15.09 23.22
C VAL B 180 -2.25 -13.80 22.46
N ASN B 181 -3.20 -13.00 22.96
CA ASN B 181 -3.53 -11.71 22.34
C ASN B 181 -2.97 -10.52 23.12
N HIS B 182 -2.53 -9.52 22.38
CA HIS B 182 -2.10 -8.27 22.98
C HIS B 182 -2.86 -7.12 22.30
N TYR B 183 -3.71 -6.46 23.04
CA TYR B 183 -4.39 -5.28 22.55
C TYR B 183 -3.68 -4.07 23.14
N PRO B 184 -2.77 -3.42 22.42
CA PRO B 184 -2.10 -2.27 22.97
C PRO B 184 -3.04 -1.09 23.05
N PRO B 185 -2.64 -0.05 23.77
CA PRO B 185 -3.48 1.15 23.84
C PRO B 185 -3.53 1.86 22.49
N CYS B 186 -4.72 2.34 22.15
CA CYS B 186 -4.91 3.26 21.04
C CYS B 186 -4.98 4.64 21.67
N ARG B 187 -3.85 5.34 21.72
CA ARG B 187 -3.86 6.66 22.36
C ARG B 187 -4.48 7.71 21.43
N ALA B 188 -4.39 7.47 20.12
CA ALA B 188 -4.99 8.35 19.12
C ALA B 188 -6.48 8.62 19.33
N LEU B 189 -7.20 7.74 20.03
CA LEU B 189 -8.64 7.83 20.15
C LEU B 189 -9.09 8.20 21.55
N GLN B 190 -8.18 8.63 22.41
CA GLN B 190 -8.55 8.89 23.80
C GLN B 190 -9.58 10.03 23.88
N GLY B 191 -10.71 9.74 24.52
CA GLY B 191 -11.76 10.71 24.77
C GLY B 191 -12.66 11.04 23.60
N LEU B 192 -12.47 10.39 22.44
CA LEU B 192 -13.14 10.79 21.21
C LEU B 192 -14.51 10.15 21.01
N GLY B 193 -15.02 9.37 21.96
CA GLY B 193 -16.36 8.85 21.85
C GLY B 193 -16.48 7.52 21.13
N CYS B 194 -15.52 7.23 20.26
CA CYS B 194 -15.48 5.96 19.55
C CYS B 194 -14.23 5.17 19.92
N SER B 195 -14.31 3.84 19.81
CA SER B 195 -13.19 2.99 20.15
C SER B 195 -12.90 2.06 18.99
N VAL B 196 -11.68 1.56 18.93
CA VAL B 196 -11.30 0.66 17.85
C VAL B 196 -11.54 -0.78 18.27
N THR B 197 -11.95 -1.59 17.31
CA THR B 197 -12.13 -3.00 17.56
C THR B 197 -10.80 -3.68 17.85
N GLY B 198 -10.73 -4.37 18.99
CA GLY B 198 -9.60 -5.20 19.31
C GLY B 198 -9.68 -6.56 18.65
N PHE B 199 -10.85 -7.17 18.71
CA PHE B 199 -11.11 -8.47 18.09
C PHE B 199 -12.60 -8.44 17.74
N GLY B 200 -12.92 -8.45 16.46
CA GLY B 200 -14.32 -8.30 16.07
C GLY B 200 -15.19 -9.45 16.56
N GLU B 201 -16.49 -9.19 16.53
CA GLU B 201 -17.47 -10.08 17.09
C GLU B 201 -17.43 -11.45 16.41
N HIS B 202 -17.63 -12.50 17.21
CA HIS B 202 -17.66 -13.86 16.69
C HIS B 202 -18.09 -14.84 17.78
N THR B 203 -18.47 -16.04 17.34
CA THR B 203 -18.52 -17.22 18.20
C THR B 203 -17.31 -18.11 17.87
N ASP B 204 -16.90 -18.89 18.86
CA ASP B 204 -15.76 -19.77 18.70
C ASP B 204 -16.26 -21.07 18.10
N PRO B 205 -15.49 -21.70 17.23
CA PRO B 205 -16.03 -22.85 16.50
C PRO B 205 -15.94 -24.19 17.23
N GLN B 206 -15.09 -24.34 18.24
CA GLN B 206 -14.81 -25.68 18.77
C GLN B 206 -15.66 -25.90 20.04
N LEU B 207 -15.23 -26.75 20.98
CA LEU B 207 -16.13 -27.12 22.08
C LEU B 207 -16.18 -26.02 23.14
N VAL B 208 -15.01 -25.69 23.71
CA VAL B 208 -14.94 -24.67 24.74
C VAL B 208 -13.68 -23.85 24.54
N SER B 209 -13.73 -22.62 25.03
CA SER B 209 -12.54 -21.80 25.11
C SER B 209 -12.47 -21.33 26.55
N VAL B 210 -11.24 -21.27 27.09
CA VAL B 210 -11.00 -20.81 28.44
C VAL B 210 -10.01 -19.66 28.37
N LEU B 211 -10.44 -18.49 28.82
CA LEU B 211 -9.70 -17.25 28.70
C LEU B 211 -9.21 -16.81 30.06
N ARG B 212 -8.04 -16.22 30.09
CA ARG B 212 -7.56 -15.44 31.24
C ARG B 212 -6.89 -14.17 30.73
N SER B 213 -7.26 -13.03 31.29
CA SER B 213 -6.64 -11.76 30.92
C SER B 213 -5.90 -11.13 32.09
N ASN B 214 -5.14 -10.08 31.79
CA ASN B 214 -4.67 -9.14 32.80
C ASN B 214 -5.87 -8.28 33.21
N GLY B 215 -5.62 -7.18 33.92
CA GLY B 215 -6.73 -6.45 34.51
C GLY B 215 -7.40 -5.42 33.62
N THR B 216 -6.95 -5.27 32.38
CA THR B 216 -7.52 -4.25 31.51
C THR B 216 -8.83 -4.72 30.92
N SER B 217 -9.83 -3.82 30.92
CA SER B 217 -11.12 -4.15 30.35
C SER B 217 -11.00 -4.34 28.84
N GLY B 218 -12.11 -4.80 28.24
CA GLY B 218 -12.17 -4.91 26.79
C GLY B 218 -13.13 -5.97 26.30
N LEU B 219 -13.22 -7.06 27.06
CA LEU B 219 -14.09 -8.17 26.70
C LEU B 219 -15.55 -7.80 26.88
N GLN B 220 -16.33 -8.14 25.86
CA GLN B 220 -17.77 -7.95 25.84
C GLN B 220 -18.40 -9.21 25.28
N ILE B 221 -19.59 -9.51 25.78
CA ILE B 221 -20.39 -10.59 25.25
C ILE B 221 -21.72 -9.98 24.82
N ALA B 222 -22.38 -10.70 23.93
CA ALA B 222 -23.68 -10.29 23.42
C ALA B 222 -24.74 -11.11 24.16
N LEU B 223 -25.71 -10.41 24.76
CA LEU B 223 -26.78 -11.12 25.45
C LEU B 223 -27.76 -11.74 24.45
N ARG B 224 -28.65 -12.59 24.95
CA ARG B 224 -29.63 -13.22 24.07
C ARG B 224 -30.47 -12.17 23.32
N ASP B 225 -30.79 -11.04 23.96
CA ASP B 225 -31.58 -9.99 23.31
C ASP B 225 -30.75 -9.09 22.37
N GLY B 226 -29.54 -9.50 21.98
CA GLY B 226 -28.72 -8.73 21.09
C GLY B 226 -27.82 -7.69 21.75
N GLN B 227 -28.12 -7.29 22.97
CA GLN B 227 -27.34 -6.21 23.58
C GLN B 227 -25.91 -6.64 23.91
N TRP B 228 -24.97 -5.74 23.66
CA TRP B 228 -23.57 -5.92 24.03
C TRP B 228 -23.31 -5.36 25.42
N VAL B 229 -22.70 -6.18 26.29
CA VAL B 229 -22.36 -5.77 27.65
C VAL B 229 -20.88 -6.05 27.94
N SER B 230 -20.27 -5.19 28.72
CA SER B 230 -18.89 -5.39 29.15
C SER B 230 -18.79 -6.37 30.31
N VAL B 231 -17.82 -7.28 30.22
CA VAL B 231 -17.49 -8.19 31.29
C VAL B 231 -16.33 -7.56 32.11
N PRO B 232 -16.49 -7.36 33.41
CA PRO B 232 -15.36 -6.86 34.21
C PRO B 232 -14.22 -7.87 34.18
N SER B 233 -13.01 -7.38 33.93
CA SER B 233 -11.81 -8.23 33.90
C SER B 233 -11.45 -8.68 35.31
N ASP B 234 -10.78 -9.83 35.38
CA ASP B 234 -10.37 -10.40 36.68
C ASP B 234 -9.16 -11.30 36.41
N ARG B 235 -7.98 -10.80 36.72
CA ARG B 235 -6.77 -11.48 36.28
C ARG B 235 -6.54 -12.84 36.93
N ASP B 236 -7.25 -13.18 38.01
CA ASP B 236 -7.02 -14.44 38.72
C ASP B 236 -8.12 -15.48 38.46
N SER B 237 -9.12 -15.15 37.65
CA SER B 237 -10.18 -16.09 37.30
C SER B 237 -10.15 -16.41 35.80
N PHE B 238 -10.87 -17.47 35.42
CA PHE B 238 -11.04 -17.84 34.02
C PHE B 238 -12.45 -17.47 33.56
N PHE B 239 -12.58 -17.21 32.25
CA PHE B 239 -13.86 -17.02 31.58
C PHE B 239 -14.01 -18.07 30.48
N VAL B 240 -15.14 -18.75 30.46
CA VAL B 240 -15.33 -19.92 29.63
C VAL B 240 -16.43 -19.59 28.64
N ASN B 241 -16.16 -19.92 27.37
CA ASN B 241 -17.10 -19.78 26.26
C ASN B 241 -17.59 -21.16 25.81
N VAL B 242 -18.90 -21.31 25.64
CA VAL B 242 -19.45 -22.37 24.81
C VAL B 242 -19.14 -22.07 23.35
N GLY B 243 -18.55 -23.02 22.65
CA GLY B 243 -18.32 -22.92 21.22
C GLY B 243 -19.36 -23.65 20.35
N ASP B 244 -19.31 -23.35 19.04
CA ASP B 244 -20.32 -23.88 18.13
C ASP B 244 -20.43 -25.40 18.22
N SER B 245 -19.32 -26.10 18.34
CA SER B 245 -19.38 -27.55 18.36
C SER B 245 -20.10 -28.06 19.60
N LEU B 246 -19.97 -27.36 20.72
CA LEU B 246 -20.70 -27.75 21.91
C LEU B 246 -22.17 -27.40 21.75
N GLN B 247 -22.47 -26.35 20.97
CA GLN B 247 -23.86 -26.07 20.67
C GLN B 247 -24.48 -27.25 19.96
N VAL B 248 -23.71 -27.93 19.10
CA VAL B 248 -24.21 -29.06 18.31
C VAL B 248 -24.31 -30.33 19.16
N LEU B 249 -23.24 -30.66 19.93
CA LEU B 249 -23.31 -31.83 20.80
C LEU B 249 -24.47 -31.78 21.82
N THR B 250 -24.97 -30.59 22.15
CA THR B 250 -26.14 -30.47 23.01
C THR B 250 -27.42 -30.11 22.22
N ASN B 251 -27.39 -30.27 20.89
CA ASN B 251 -28.53 -30.01 20.02
C ASN B 251 -29.19 -28.67 20.27
N GLY B 252 -28.38 -27.62 20.43
CA GLY B 252 -28.93 -26.29 20.57
C GLY B 252 -29.21 -25.87 21.99
N ARG B 253 -29.02 -26.76 22.95
CA ARG B 253 -29.33 -26.40 24.33
C ARG B 253 -28.34 -25.35 24.86
N PHE B 254 -27.06 -25.54 24.61
CA PHE B 254 -26.06 -24.51 24.92
C PHE B 254 -25.81 -23.71 23.64
N LYS B 255 -26.19 -22.46 23.62
CA LYS B 255 -25.88 -21.60 22.49
C LYS B 255 -24.52 -20.95 22.67
N SER B 256 -23.71 -21.07 21.63
CA SER B 256 -22.43 -20.34 21.46
C SER B 256 -22.53 -18.87 21.84
N VAL B 257 -21.58 -18.41 22.65
CA VAL B 257 -21.57 -17.01 23.05
C VAL B 257 -20.83 -16.19 21.98
N LYS B 258 -21.49 -15.14 21.51
CA LYS B 258 -20.92 -14.16 20.61
C LYS B 258 -20.20 -13.13 21.46
N HIS B 259 -18.94 -12.86 21.13
CA HIS B 259 -18.09 -12.01 21.95
C HIS B 259 -17.12 -11.27 21.05
N ARG B 260 -16.61 -10.17 21.59
CA ARG B 260 -15.69 -9.28 20.91
C ARG B 260 -14.83 -8.62 21.97
N VAL B 261 -13.77 -8.01 21.50
CA VAL B 261 -12.89 -7.22 22.35
C VAL B 261 -12.83 -5.81 21.78
N VAL B 262 -13.06 -4.83 22.67
CA VAL B 262 -12.90 -3.41 22.37
C VAL B 262 -11.60 -2.96 23.00
N ALA B 263 -10.74 -2.35 22.22
CA ALA B 263 -9.45 -1.96 22.75
C ALA B 263 -9.59 -0.74 23.65
N ASN B 264 -8.79 -0.75 24.70
CA ASN B 264 -8.70 0.34 25.66
C ASN B 264 -7.78 1.41 25.11
N SER B 265 -8.10 2.65 25.34
CA SER B 265 -7.25 3.69 24.78
C SER B 265 -6.09 4.05 25.70
N LEU B 266 -5.95 3.40 26.87
CA LEU B 266 -4.85 3.79 27.75
C LEU B 266 -3.96 2.67 28.26
N LYS B 267 -4.49 1.43 28.34
CA LYS B 267 -3.73 0.33 28.92
C LYS B 267 -3.67 -0.85 27.95
N SER B 268 -2.58 -1.62 28.01
CA SER B 268 -2.50 -2.85 27.24
C SER B 268 -3.38 -3.93 27.87
N ARG B 269 -4.08 -4.66 27.01
CA ARG B 269 -4.82 -5.83 27.42
C ARG B 269 -4.12 -7.08 26.89
N VAL B 270 -3.77 -7.99 27.79
CA VAL B 270 -3.09 -9.23 27.41
C VAL B 270 -3.93 -10.42 27.86
N SER B 271 -4.20 -11.35 26.93
CA SER B 271 -5.14 -12.47 27.11
C SER B 271 -4.44 -13.75 26.69
N PHE B 272 -4.80 -14.82 27.37
CA PHE B 272 -4.40 -16.19 27.03
C PHE B 272 -5.69 -16.93 26.79
N ILE B 273 -5.82 -17.63 25.66
CA ILE B 273 -7.04 -18.40 25.42
C ILE B 273 -6.72 -19.83 24.97
N TYR B 274 -7.23 -20.81 25.72
CA TYR B 274 -7.16 -22.21 25.34
C TYR B 274 -8.44 -22.57 24.59
N PHE B 275 -8.31 -23.24 23.46
CA PHE B 275 -9.45 -23.65 22.65
C PHE B 275 -9.49 -25.18 22.61
N GLY B 276 -10.54 -25.76 23.14
CA GLY B 276 -10.67 -27.20 23.14
C GLY B 276 -11.45 -27.69 21.93
N GLY B 277 -10.76 -28.36 21.03
CA GLY B 277 -11.38 -28.99 19.89
C GLY B 277 -11.05 -30.46 19.82
N PRO B 278 -11.90 -31.24 19.16
CA PRO B 278 -11.69 -32.69 19.12
C PRO B 278 -10.66 -33.04 18.07
N PRO B 279 -10.38 -34.33 17.87
CA PRO B 279 -9.60 -34.74 16.70
C PRO B 279 -10.31 -34.35 15.41
N LEU B 280 -9.53 -34.18 14.34
CA LEU B 280 -10.04 -33.71 13.07
C LEU B 280 -11.10 -34.66 12.47
N ALA B 281 -10.95 -35.94 12.69
CA ALA B 281 -11.85 -36.90 12.07
C ALA B 281 -13.18 -36.99 12.80
N GLN B 282 -13.25 -36.46 14.01
CA GLN B 282 -14.41 -36.64 14.88
C GLN B 282 -15.70 -36.18 14.22
N ARG B 283 -16.71 -37.07 14.25
CA ARG B 283 -18.05 -36.73 13.81
C ARG B 283 -18.72 -35.91 14.89
N ILE B 284 -19.17 -34.72 14.54
CA ILE B 284 -19.80 -33.81 15.47
C ILE B 284 -21.30 -33.89 15.28
N ALA B 285 -22.00 -34.31 16.33
CA ALA B 285 -23.45 -34.43 16.31
C ALA B 285 -23.94 -34.42 17.74
N PRO B 286 -25.24 -34.27 17.95
CA PRO B 286 -25.77 -34.31 19.32
C PRO B 286 -25.41 -35.64 19.97
N LEU B 287 -24.94 -35.57 21.21
CA LEU B 287 -24.62 -36.79 21.95
C LEU B 287 -25.86 -37.68 22.04
N PRO B 288 -25.75 -38.97 21.68
CA PRO B 288 -26.94 -39.84 21.77
C PRO B 288 -27.64 -39.72 23.11
N GLN B 289 -26.86 -39.54 24.19
CA GLN B 289 -27.43 -39.50 25.52
C GLN B 289 -28.40 -38.34 25.71
N LEU B 290 -28.26 -37.27 24.94
CA LEU B 290 -29.07 -36.08 25.17
C LEU B 290 -30.35 -36.04 24.32
N LEU B 291 -30.45 -36.89 23.31
CA LEU B 291 -31.63 -36.94 22.45
C LEU B 291 -32.70 -37.79 23.13
N GLY B 292 -33.87 -37.19 23.35
CA GLY B 292 -35.03 -37.92 23.78
C GLY B 292 -35.51 -38.87 22.69
N GLU B 293 -36.65 -39.49 22.99
CA GLU B 293 -37.23 -40.50 22.13
C GLU B 293 -37.66 -39.84 20.82
N GLY B 294 -37.02 -40.21 19.72
CA GLY B 294 -37.36 -39.64 18.44
C GLY B 294 -37.05 -38.17 18.28
N GLU B 295 -36.12 -37.63 19.07
CA GLU B 295 -35.69 -36.25 18.91
C GLU B 295 -34.81 -36.14 17.67
N GLN B 296 -35.03 -35.08 16.89
CA GLN B 296 -34.24 -34.85 15.67
C GLN B 296 -33.10 -33.87 15.92
N SER B 297 -31.91 -34.20 15.41
CA SER B 297 -30.82 -33.24 15.38
C SER B 297 -31.21 -32.00 14.59
N LEU B 298 -30.89 -30.83 15.13
CA LEU B 298 -31.06 -29.61 14.36
C LEU B 298 -30.00 -29.42 13.28
N TYR B 299 -29.04 -30.35 13.13
CA TYR B 299 -27.83 -30.11 12.36
C TYR B 299 -27.59 -31.22 11.35
N LYS B 300 -27.12 -30.81 10.17
CA LYS B 300 -26.50 -31.72 9.21
C LYS B 300 -25.31 -32.39 9.87
N GLU B 301 -24.89 -33.50 9.31
CA GLU B 301 -23.73 -34.22 9.80
C GLU B 301 -22.45 -33.57 9.28
N PHE B 302 -21.45 -33.44 10.15
CA PHE B 302 -20.16 -32.95 9.69
C PHE B 302 -19.08 -33.46 10.63
N THR B 303 -17.86 -33.33 10.15
CA THR B 303 -16.69 -33.64 10.94
C THR B 303 -16.01 -32.34 11.37
N TRP B 304 -15.13 -32.44 12.37
CA TRP B 304 -14.46 -31.22 12.86
C TRP B 304 -13.58 -30.64 11.77
N ASP B 305 -12.88 -31.50 11.04
CA ASP B 305 -12.06 -31.03 9.93
C ASP B 305 -12.89 -30.20 8.94
N GLU B 306 -14.10 -30.68 8.61
CA GLU B 306 -15.01 -29.95 7.73
C GLU B 306 -15.43 -28.60 8.31
N TYR B 307 -15.86 -28.59 9.57
CA TYR B 307 -16.29 -27.33 10.18
C TYR B 307 -15.14 -26.33 10.21
N LYS B 308 -13.94 -26.81 10.53
CA LYS B 308 -12.79 -25.93 10.69
C LYS B 308 -12.39 -25.32 9.37
N LYS B 309 -12.35 -26.11 8.31
CA LYS B 309 -12.05 -25.60 6.97
C LYS B 309 -13.10 -24.60 6.54
N ALA B 310 -14.37 -24.94 6.73
CA ALA B 310 -15.43 -23.98 6.41
C ALA B 310 -15.23 -22.71 7.21
N ALA B 311 -14.81 -22.85 8.46
CA ALA B 311 -14.58 -21.67 9.28
C ALA B 311 -13.50 -20.80 8.65
N TYR B 312 -12.41 -21.41 8.19
CA TYR B 312 -11.36 -20.56 7.68
C TYR B 312 -11.72 -19.94 6.34
N LYS B 313 -12.78 -20.42 5.66
CA LYS B 313 -13.23 -19.76 4.45
C LYS B 313 -14.18 -18.62 4.74
N SER B 314 -14.50 -18.37 6.02
CA SER B 314 -15.55 -17.44 6.39
C SER B 314 -14.95 -16.18 6.95
N ARG B 315 -15.82 -15.19 7.14
CA ARG B 315 -15.48 -13.97 7.85
C ARG B 315 -15.70 -14.16 9.35
N LEU B 316 -14.91 -13.43 10.14
CA LEU B 316 -14.98 -13.53 11.60
C LEU B 316 -16.42 -13.43 12.10
N GLY B 317 -17.17 -12.45 11.60
CA GLY B 317 -18.50 -12.30 12.13
C GLY B 317 -19.59 -13.18 11.54
N ASP B 318 -19.26 -14.09 10.62
CA ASP B 318 -20.30 -14.94 10.04
C ASP B 318 -20.84 -15.93 11.06
N ASN B 319 -22.11 -16.27 10.83
CA ASN B 319 -22.81 -17.37 11.50
C ASN B 319 -22.38 -18.66 10.83
N ARG B 320 -21.30 -19.26 11.34
CA ARG B 320 -20.78 -20.45 10.72
C ARG B 320 -21.68 -21.67 10.93
N LEU B 321 -22.55 -21.64 11.93
CA LEU B 321 -23.37 -22.80 12.23
C LEU B 321 -24.53 -22.94 11.23
N ALA B 322 -25.04 -21.80 10.75
CA ALA B 322 -26.26 -21.80 9.94
C ALA B 322 -26.11 -22.64 8.68
N GLN B 323 -24.93 -22.64 8.07
CA GLN B 323 -24.65 -23.49 6.92
C GLN B 323 -24.77 -24.98 7.24
N PHE B 324 -24.65 -25.36 8.51
CA PHE B 324 -24.77 -26.78 8.88
C PHE B 324 -26.05 -27.05 9.66
N GLU B 325 -26.99 -26.11 9.66
CA GLU B 325 -28.28 -26.32 10.28
C GLU B 325 -29.20 -27.05 9.29
N LYS B 326 -30.13 -27.83 9.81
CA LYS B 326 -31.12 -28.45 8.93
C LYS B 326 -32.18 -27.42 8.53
N LYS B 327 -32.66 -27.59 7.29
CA LYS B 327 -33.65 -26.74 6.64
C LYS B 327 -35.07 -27.11 7.04
N ASP C 11 7.70 -8.59 -1.51
CA ASP C 11 7.25 -7.29 -2.05
C ASP C 11 6.92 -7.38 -3.57
N HIS C 12 7.92 -7.82 -4.36
CA HIS C 12 7.95 -7.72 -5.83
C HIS C 12 8.40 -9.07 -6.42
N ILE C 13 8.07 -9.30 -7.69
CA ILE C 13 8.29 -10.60 -8.33
C ILE C 13 9.67 -10.60 -8.99
N PRO C 14 10.56 -11.52 -8.65
CA PRO C 14 11.91 -11.50 -9.24
C PRO C 14 11.91 -11.71 -10.74
N LEU C 15 12.90 -11.09 -11.37
CA LEU C 15 13.21 -11.25 -12.78
C LEU C 15 14.34 -12.24 -12.99
N LEU C 16 14.40 -12.77 -14.18
CA LEU C 16 15.41 -13.75 -14.54
C LEU C 16 15.81 -13.51 -15.97
N ARG C 17 17.04 -13.89 -16.29
CA ARG C 17 17.48 -13.96 -17.68
C ARG C 17 16.42 -14.74 -18.47
N SER C 18 15.96 -14.16 -19.57
CA SER C 18 15.07 -14.89 -20.44
C SER C 18 15.78 -16.14 -20.92
N PRO C 19 15.11 -17.29 -20.94
CA PRO C 19 15.77 -18.50 -21.44
C PRO C 19 15.74 -18.54 -22.96
N ASP C 20 16.85 -18.95 -23.54
CA ASP C 20 17.04 -18.98 -24.99
C ASP C 20 17.25 -20.43 -25.43
N PRO C 21 17.15 -20.73 -26.72
CA PRO C 21 17.19 -22.15 -27.12
C PRO C 21 18.45 -22.87 -26.66
N GLY C 22 19.52 -22.15 -26.34
CA GLY C 22 20.72 -22.79 -25.81
C GLY C 22 20.50 -23.53 -24.51
N ASP C 23 19.38 -23.27 -23.84
CA ASP C 23 19.09 -23.90 -22.55
C ASP C 23 18.22 -25.13 -22.68
N VAL C 24 17.77 -25.50 -23.89
CA VAL C 24 16.83 -26.61 -24.03
C VAL C 24 17.54 -27.92 -23.69
N PHE C 25 16.80 -28.80 -23.00
CA PHE C 25 17.36 -30.05 -22.50
C PHE C 25 16.68 -31.22 -23.18
N SER C 26 17.47 -32.02 -23.88
CA SER C 26 16.98 -33.12 -24.68
C SER C 26 17.07 -34.45 -23.97
N GLY C 27 17.72 -34.51 -22.82
CA GLY C 27 17.83 -35.77 -22.11
C GLY C 27 16.82 -36.04 -21.01
N VAL C 28 15.57 -35.58 -21.15
CA VAL C 28 14.54 -35.93 -20.16
C VAL C 28 14.19 -37.42 -20.27
N PRO C 29 14.40 -38.24 -19.25
CA PRO C 29 14.11 -39.67 -19.40
C PRO C 29 12.67 -39.82 -19.82
N VAL C 30 12.40 -40.82 -20.65
CA VAL C 30 11.02 -41.13 -21.03
C VAL C 30 10.64 -42.49 -20.41
N VAL C 31 9.45 -42.54 -19.83
CA VAL C 31 8.89 -43.75 -19.27
C VAL C 31 7.63 -44.07 -20.07
N ASP C 32 7.65 -45.20 -20.72
CA ASP C 32 6.47 -45.74 -21.39
C ASP C 32 5.73 -46.56 -20.34
N LEU C 33 4.62 -46.02 -19.83
CA LEU C 33 3.97 -46.62 -18.68
C LEU C 33 3.33 -47.96 -18.99
N GLY C 34 2.99 -48.22 -20.25
CA GLY C 34 2.52 -49.51 -20.68
C GLY C 34 3.59 -50.57 -20.92
N SER C 35 4.89 -50.17 -20.98
CA SER C 35 5.99 -51.09 -21.24
C SER C 35 6.46 -51.78 -19.96
N PRO C 36 6.94 -53.02 -20.07
CA PRO C 36 7.52 -53.68 -18.88
C PRO C 36 8.92 -53.16 -18.52
N GLY C 37 9.55 -52.35 -19.38
CA GLY C 37 10.77 -51.67 -19.01
C GLY C 37 10.58 -50.38 -18.23
N ALA C 38 9.34 -50.01 -17.87
CA ALA C 38 9.09 -48.78 -17.12
C ALA C 38 9.78 -48.77 -15.77
N ALA C 39 9.65 -49.86 -15.01
CA ALA C 39 10.23 -49.90 -13.67
C ALA C 39 11.70 -49.51 -13.66
N ARG C 40 12.46 -49.97 -14.66
CA ARG C 40 13.90 -49.72 -14.66
C ARG C 40 14.21 -48.30 -15.11
N ALA C 41 13.50 -47.83 -16.16
CA ALA C 41 13.62 -46.44 -16.57
C ALA C 41 13.27 -45.49 -15.41
N VAL C 42 12.21 -45.78 -14.66
CA VAL C 42 11.77 -44.88 -13.59
C VAL C 42 12.84 -44.81 -12.50
N VAL C 43 13.34 -45.97 -12.07
CA VAL C 43 14.36 -45.97 -11.03
C VAL C 43 15.60 -45.24 -11.51
N ASP C 44 15.97 -45.46 -12.77
CA ASP C 44 17.15 -44.78 -13.30
C ASP C 44 16.94 -43.27 -13.33
N ALA C 45 15.79 -42.84 -13.84
CA ALA C 45 15.51 -41.40 -13.92
C ALA C 45 15.44 -40.79 -12.52
N CYS C 46 14.87 -41.49 -11.57
CA CYS C 46 14.73 -40.91 -10.24
C CYS C 46 16.08 -40.78 -9.57
N GLU C 47 17.03 -41.64 -9.96
CA GLU C 47 18.36 -41.62 -9.37
C GLU C 47 19.33 -40.65 -10.06
N ARG C 48 18.96 -40.18 -11.25
CA ARG C 48 19.84 -39.28 -11.98
C ARG C 48 19.33 -37.84 -12.04
N TYR C 49 18.02 -37.65 -12.27
CA TYR C 49 17.40 -36.35 -12.42
C TYR C 49 16.28 -36.06 -11.41
N GLY C 50 15.73 -37.07 -10.74
CA GLY C 50 14.52 -36.88 -9.95
C GLY C 50 13.31 -36.43 -10.74
N PHE C 51 13.29 -36.68 -12.06
CA PHE C 51 12.33 -36.10 -13.00
C PHE C 51 12.25 -37.01 -14.23
N PHE C 52 11.05 -37.19 -14.77
CA PHE C 52 10.89 -37.95 -16.01
C PHE C 52 9.55 -37.63 -16.64
N LYS C 53 9.50 -37.83 -17.95
CA LYS C 53 8.26 -37.77 -18.70
C LYS C 53 7.60 -39.14 -18.76
N VAL C 54 6.27 -39.14 -18.82
CA VAL C 54 5.52 -40.39 -18.81
C VAL C 54 4.63 -40.38 -20.03
N VAL C 55 4.84 -41.33 -20.94
CA VAL C 55 4.06 -41.44 -22.17
C VAL C 55 3.22 -42.72 -22.10
N ASN C 56 2.24 -42.82 -23.01
CA ASN C 56 1.43 -44.03 -23.16
C ASN C 56 0.74 -44.37 -21.83
N HIS C 57 0.03 -43.38 -21.27
CA HIS C 57 -0.39 -43.40 -19.87
C HIS C 57 -1.88 -43.71 -19.68
N GLY C 58 -2.65 -43.74 -20.74
CA GLY C 58 -4.03 -44.13 -20.68
C GLY C 58 -5.02 -43.03 -20.35
N VAL C 59 -4.56 -41.82 -20.11
CA VAL C 59 -5.48 -40.70 -19.90
C VAL C 59 -5.77 -40.09 -21.27
N ALA C 60 -7.04 -40.10 -21.67
CA ALA C 60 -7.45 -39.59 -22.98
C ALA C 60 -7.13 -38.12 -23.12
N THR C 61 -6.79 -37.68 -24.36
CA THR C 61 -6.54 -36.26 -24.62
C THR C 61 -7.82 -35.43 -24.53
N ASP C 62 -8.99 -36.02 -24.71
CA ASP C 62 -10.22 -35.26 -24.54
C ASP C 62 -10.42 -34.88 -23.08
N THR C 63 -10.07 -35.79 -22.16
CA THR C 63 -10.16 -35.49 -20.73
C THR C 63 -9.22 -34.34 -20.35
N MET C 64 -7.98 -34.37 -20.85
CA MET C 64 -7.02 -33.28 -20.59
C MET C 64 -7.51 -31.99 -21.23
N ASP C 65 -8.00 -32.05 -22.47
CA ASP C 65 -8.47 -30.86 -23.18
C ASP C 65 -9.61 -30.18 -22.45
N LYS C 66 -10.62 -30.96 -22.02
CA LYS C 66 -11.79 -30.33 -21.41
C LYS C 66 -11.47 -29.76 -20.02
N ALA C 67 -10.60 -30.40 -19.25
CA ALA C 67 -10.13 -29.77 -18.02
C ALA C 67 -9.42 -28.44 -18.33
N GLU C 68 -8.57 -28.41 -19.36
CA GLU C 68 -7.84 -27.19 -19.68
C GLU C 68 -8.78 -26.11 -20.15
N SER C 69 -9.73 -26.47 -21.00
CA SER C 69 -10.72 -25.52 -21.49
C SER C 69 -11.53 -24.91 -20.34
N GLU C 70 -11.96 -25.73 -19.37
CA GLU C 70 -12.72 -25.17 -18.27
C GLU C 70 -11.84 -24.26 -17.38
N ALA C 71 -10.59 -24.65 -17.15
CA ALA C 71 -9.69 -23.79 -16.39
C ALA C 71 -9.51 -22.44 -17.08
N VAL C 72 -9.26 -22.45 -18.40
CA VAL C 72 -9.01 -21.20 -19.13
C VAL C 72 -10.19 -20.26 -18.98
N ARG C 73 -11.39 -20.83 -19.03
CA ARG C 73 -12.62 -20.03 -18.91
C ARG C 73 -12.74 -19.40 -17.53
N PHE C 74 -12.47 -20.19 -16.48
CA PHE C 74 -12.43 -19.64 -15.13
C PHE C 74 -11.47 -18.46 -15.05
N PHE C 75 -10.21 -18.66 -15.47
CA PHE C 75 -9.19 -17.61 -15.43
C PHE C 75 -9.52 -16.42 -16.34
N SER C 76 -10.41 -16.60 -17.34
CA SER C 76 -10.85 -15.47 -18.17
C SER C 76 -11.85 -14.57 -17.44
N GLN C 77 -12.42 -15.06 -16.35
CA GLN C 77 -13.33 -14.22 -15.58
C GLN C 77 -12.64 -12.96 -15.06
N THR C 78 -13.45 -11.96 -14.76
CA THR C 78 -12.88 -10.75 -14.21
C THR C 78 -12.21 -11.05 -12.87
N GLN C 79 -11.27 -10.17 -12.49
CA GLN C 79 -10.55 -10.34 -11.24
C GLN C 79 -11.50 -10.30 -10.04
N PRO C 80 -12.45 -9.36 -9.95
CA PRO C 80 -13.44 -9.45 -8.86
C PRO C 80 -14.18 -10.77 -8.82
N ASP C 81 -14.46 -11.38 -9.97
CA ASP C 81 -15.22 -12.61 -9.95
C ASP C 81 -14.37 -13.78 -9.47
N LYS C 82 -13.12 -13.84 -9.94
CA LYS C 82 -12.19 -14.85 -9.45
C LYS C 82 -11.95 -14.66 -7.94
N ASP C 83 -11.74 -13.43 -7.51
CA ASP C 83 -11.43 -13.15 -6.11
C ASP C 83 -12.51 -13.70 -5.19
N ARG C 84 -13.72 -13.94 -5.68
CA ARG C 84 -14.76 -14.49 -4.81
C ARG C 84 -14.48 -15.94 -4.44
N SER C 85 -13.69 -16.65 -5.22
CA SER C 85 -13.27 -17.99 -4.84
C SER C 85 -11.98 -17.95 -4.03
N GLY C 86 -11.49 -16.74 -3.72
CA GLY C 86 -10.24 -16.58 -3.03
C GLY C 86 -10.48 -16.32 -1.57
N PRO C 87 -9.42 -16.32 -0.75
CA PRO C 87 -8.05 -16.70 -1.09
C PRO C 87 -7.85 -18.21 -1.09
N ALA C 88 -6.59 -18.63 -1.25
CA ALA C 88 -6.30 -19.98 -1.67
C ALA C 88 -6.17 -20.95 -0.51
N TYR C 89 -6.30 -20.46 0.73
CA TYR C 89 -6.13 -21.34 1.87
C TYR C 89 -7.37 -21.30 2.76
N PRO C 90 -7.83 -22.46 3.25
CA PRO C 90 -7.28 -23.81 3.07
C PRO C 90 -7.42 -24.37 1.64
N PHE C 91 -8.22 -23.71 0.80
CA PHE C 91 -8.42 -24.10 -0.60
C PHE C 91 -9.04 -22.91 -1.32
N GLY C 92 -8.85 -22.87 -2.65
CA GLY C 92 -9.48 -21.81 -3.41
C GLY C 92 -8.52 -21.12 -4.37
N TYR C 93 -8.89 -19.90 -4.73
CA TYR C 93 -8.21 -19.15 -5.76
C TYR C 93 -7.15 -18.26 -5.13
N GLY C 94 -5.99 -18.21 -5.77
CA GLY C 94 -4.94 -17.28 -5.38
C GLY C 94 -4.37 -16.52 -6.57
N SER C 95 -3.76 -15.38 -6.25
CA SER C 95 -3.14 -14.49 -7.22
C SER C 95 -1.79 -14.03 -6.72
N LYS C 96 -0.74 -14.32 -7.48
CA LYS C 96 0.61 -13.82 -7.26
C LYS C 96 1.29 -14.37 -6.03
N ARG C 97 0.63 -14.33 -4.87
CA ARG C 97 1.26 -14.76 -3.63
C ARG C 97 1.31 -16.29 -3.56
N ILE C 98 2.48 -16.83 -3.26
CA ILE C 98 2.71 -18.27 -3.13
C ILE C 98 3.08 -18.53 -1.69
N GLY C 99 2.26 -19.32 -0.99
CA GLY C 99 2.46 -19.59 0.42
C GLY C 99 2.25 -18.36 1.28
N PHE C 100 2.86 -18.38 2.48
CA PHE C 100 2.57 -17.41 3.54
C PHE C 100 3.69 -16.43 3.82
N ASN C 101 4.87 -16.61 3.23
CA ASN C 101 6.05 -15.93 3.72
C ASN C 101 6.66 -14.98 2.70
N GLY C 102 5.85 -14.46 1.80
CA GLY C 102 6.26 -13.39 0.91
C GLY C 102 6.64 -13.79 -0.50
N ASP C 103 6.75 -15.09 -0.80
CA ASP C 103 7.06 -15.53 -2.16
C ASP C 103 5.98 -15.08 -3.12
N MET C 104 6.39 -14.71 -4.31
CA MET C 104 5.46 -14.22 -5.32
C MET C 104 5.88 -14.69 -6.70
N GLY C 105 4.89 -14.84 -7.57
CA GLY C 105 5.17 -15.25 -8.94
C GLY C 105 4.14 -14.59 -9.83
N TRP C 106 4.48 -14.46 -11.10
CA TRP C 106 3.53 -13.99 -12.11
C TRP C 106 2.60 -15.16 -12.45
N LEU C 107 1.64 -15.40 -11.55
CA LEU C 107 0.67 -16.45 -11.74
C LEU C 107 -0.60 -16.14 -10.96
N GLU C 108 -1.65 -16.84 -11.35
CA GLU C 108 -2.84 -17.07 -10.55
C GLU C 108 -3.12 -18.57 -10.57
N TYR C 109 -3.92 -19.05 -9.62
CA TYR C 109 -4.04 -20.47 -9.45
C TYR C 109 -5.26 -20.87 -8.64
N LEU C 110 -5.54 -22.17 -8.69
CA LEU C 110 -6.46 -22.81 -7.77
C LEU C 110 -5.69 -23.87 -7.00
N LEU C 111 -5.94 -23.92 -5.71
CA LEU C 111 -5.36 -24.92 -4.83
C LEU C 111 -6.53 -25.70 -4.27
N LEU C 112 -6.62 -26.98 -4.58
CA LEU C 112 -7.79 -27.79 -4.35
C LEU C 112 -7.44 -29.04 -3.57
N ALA C 113 -8.41 -29.58 -2.87
CA ALA C 113 -8.19 -30.74 -2.01
C ALA C 113 -8.94 -31.92 -2.58
N LEU C 114 -8.36 -33.10 -2.44
CA LEU C 114 -8.99 -34.32 -2.94
C LEU C 114 -9.36 -35.25 -1.80
N ASP C 115 -10.43 -36.03 -2.02
CA ASP C 115 -10.73 -37.27 -1.30
C ASP C 115 -10.58 -38.43 -2.26
N ASP C 116 -9.64 -39.34 -1.97
CA ASP C 116 -9.39 -40.49 -2.84
C ASP C 116 -9.02 -40.01 -4.24
N ALA C 117 -9.89 -40.16 -5.25
CA ALA C 117 -9.53 -39.79 -6.62
C ALA C 117 -10.51 -38.80 -7.21
N SER C 118 -11.07 -37.94 -6.36
CA SER C 118 -11.98 -36.88 -6.80
C SER C 118 -11.79 -35.65 -5.92
N LEU C 119 -12.34 -34.52 -6.38
CA LEU C 119 -12.43 -33.34 -5.54
C LEU C 119 -13.18 -33.63 -4.24
N ALA C 120 -12.64 -33.17 -3.13
CA ALA C 120 -13.32 -33.30 -1.85
C ALA C 120 -14.57 -32.44 -1.81
N ASP C 121 -15.67 -33.04 -1.34
CA ASP C 121 -16.92 -32.30 -1.17
C ASP C 121 -16.71 -31.02 -0.38
N ALA C 122 -15.87 -31.08 0.66
CA ALA C 122 -15.61 -29.91 1.48
C ALA C 122 -14.87 -28.81 0.73
N CYS C 123 -14.16 -29.17 -0.34
CA CYS C 123 -13.46 -28.18 -1.15
C CYS C 123 -14.49 -27.59 -2.11
N THR C 124 -15.09 -26.46 -1.73
CA THR C 124 -16.26 -25.99 -2.45
C THR C 124 -15.90 -25.30 -3.75
N VAL C 125 -14.63 -24.96 -3.94
CA VAL C 125 -14.15 -24.30 -5.15
C VAL C 125 -13.64 -25.38 -6.09
N PRO C 126 -13.91 -25.29 -7.41
CA PRO C 126 -14.80 -24.30 -8.04
C PRO C 126 -16.27 -24.69 -7.82
N SER C 127 -17.17 -23.70 -7.73
CA SER C 127 -18.59 -23.98 -7.53
C SER C 127 -19.29 -24.48 -8.81
N CYS C 128 -18.86 -24.01 -9.96
CA CYS C 128 -19.49 -24.35 -11.24
C CYS C 128 -19.38 -25.85 -11.56
N ALA C 129 -20.56 -26.48 -11.67
CA ALA C 129 -20.61 -27.94 -11.76
C ALA C 129 -19.94 -28.47 -13.02
N VAL C 130 -19.94 -27.70 -14.11
CA VAL C 130 -19.25 -28.15 -15.32
C VAL C 130 -17.73 -28.22 -15.11
N PHE C 131 -17.15 -27.17 -14.53
CA PHE C 131 -15.72 -27.12 -14.27
C PHE C 131 -15.33 -28.24 -13.30
N ARG C 132 -16.12 -28.39 -12.23
CA ARG C 132 -15.91 -29.47 -11.26
C ARG C 132 -15.94 -30.83 -11.93
N ALA C 133 -16.94 -31.08 -12.78
CA ALA C 133 -17.01 -32.39 -13.44
C ALA C 133 -15.78 -32.62 -14.33
N ALA C 134 -15.32 -31.59 -15.04
CA ALA C 134 -14.14 -31.82 -15.89
C ALA C 134 -12.89 -32.09 -15.04
N LEU C 135 -12.73 -31.33 -13.95
CA LEU C 135 -11.61 -31.58 -13.07
C LEU C 135 -11.67 -32.98 -12.50
N ASN C 136 -12.87 -33.40 -12.05
CA ASN C 136 -12.99 -34.71 -11.43
C ASN C 136 -12.63 -35.82 -12.41
N GLU C 137 -13.01 -35.68 -13.68
CA GLU C 137 -12.56 -36.66 -14.68
C GLU C 137 -11.04 -36.68 -14.83
N TYR C 138 -10.44 -35.49 -14.98
CA TYR C 138 -8.98 -35.43 -15.12
C TYR C 138 -8.31 -35.98 -13.88
N ILE C 139 -8.85 -35.63 -12.71
CA ILE C 139 -8.20 -36.04 -11.47
C ILE C 139 -8.17 -37.55 -11.37
N SER C 140 -9.30 -38.18 -11.67
CA SER C 140 -9.36 -39.63 -11.63
C SER C 140 -8.27 -40.24 -12.49
N GLY C 141 -8.06 -39.68 -13.68
CA GLY C 141 -7.04 -40.24 -14.57
C GLY C 141 -5.62 -40.05 -14.03
N VAL C 142 -5.31 -38.85 -13.56
CA VAL C 142 -3.93 -38.58 -13.16
C VAL C 142 -3.58 -39.37 -11.91
N ARG C 143 -4.54 -39.54 -11.00
CA ARG C 143 -4.31 -40.30 -9.78
C ARG C 143 -3.96 -41.74 -10.12
N LYS C 144 -4.64 -42.30 -11.12
CA LYS C 144 -4.28 -43.61 -11.60
C LYS C 144 -2.87 -43.63 -12.18
N VAL C 145 -2.50 -42.60 -12.94
CA VAL C 145 -1.11 -42.52 -13.42
C VAL C 145 -0.14 -42.53 -12.24
N ALA C 146 -0.42 -41.74 -11.20
CA ALA C 146 0.52 -41.68 -10.09
C ALA C 146 0.66 -43.04 -9.39
N VAL C 147 -0.44 -43.81 -9.29
CA VAL C 147 -0.33 -45.11 -8.64
C VAL C 147 0.54 -46.03 -9.48
N ARG C 148 0.30 -46.04 -10.79
CA ARG C 148 1.09 -46.85 -11.70
C ARG C 148 2.55 -46.49 -11.60
N VAL C 149 2.85 -45.18 -11.59
CA VAL C 149 4.22 -44.69 -11.49
C VAL C 149 4.85 -45.18 -10.19
N MET C 150 4.12 -45.07 -9.10
CA MET C 150 4.69 -45.47 -7.82
C MET C 150 4.88 -46.98 -7.73
N GLU C 151 4.01 -47.78 -8.35
CA GLU C 151 4.23 -49.23 -8.39
C GLU C 151 5.46 -49.57 -9.24
N ALA C 152 5.64 -48.87 -10.35
CA ALA C 152 6.82 -49.07 -11.17
C ALA C 152 8.10 -48.78 -10.36
N MET C 153 8.12 -47.66 -9.62
CA MET C 153 9.24 -47.34 -8.73
C MET C 153 9.51 -48.48 -7.75
N SER C 154 8.48 -48.96 -7.07
CA SER C 154 8.70 -50.02 -6.09
C SER C 154 9.17 -51.29 -6.80
N GLU C 155 8.60 -51.59 -7.98
CA GLU C 155 9.10 -52.72 -8.78
C GLU C 155 10.58 -52.56 -9.07
N GLY C 156 10.95 -51.44 -9.70
CA GLY C 156 12.32 -51.24 -10.10
C GLY C 156 13.29 -51.18 -8.94
N LEU C 157 12.78 -50.94 -7.74
CA LEU C 157 13.63 -50.91 -6.56
C LEU C 157 13.79 -52.28 -5.96
N GLY C 158 12.96 -53.24 -6.41
CA GLY C 158 13.06 -54.60 -5.94
C GLY C 158 12.28 -54.86 -4.69
N ILE C 159 11.19 -54.13 -4.46
CA ILE C 159 10.35 -54.33 -3.29
C ILE C 159 9.26 -55.33 -3.63
N ALA C 160 9.14 -56.37 -2.81
CA ALA C 160 8.14 -57.41 -3.03
C ALA C 160 6.75 -56.80 -3.15
N GLN C 161 6.32 -56.23 -2.03
CA GLN C 161 5.06 -55.49 -1.94
C GLN C 161 4.91 -54.52 -3.12
N ALA C 162 3.91 -54.77 -3.97
CA ALA C 162 3.73 -53.92 -5.15
C ALA C 162 3.27 -52.51 -4.79
N ASP C 163 2.63 -52.36 -3.63
CA ASP C 163 2.02 -51.12 -3.20
C ASP C 163 2.80 -50.51 -2.03
N ALA C 164 4.10 -50.75 -1.99
CA ALA C 164 4.92 -50.24 -0.89
C ALA C 164 4.87 -48.72 -0.86
N LEU C 165 4.83 -48.10 -2.04
CA LEU C 165 4.70 -46.65 -2.18
C LEU C 165 3.26 -46.24 -2.48
N SER C 166 2.62 -46.87 -3.46
CA SER C 166 1.29 -46.41 -3.88
C SER C 166 0.30 -46.45 -2.73
N ALA C 167 0.47 -47.37 -1.77
CA ALA C 167 -0.47 -47.41 -0.64
C ALA C 167 -0.44 -46.12 0.15
N LEU C 168 0.66 -45.38 0.09
CA LEU C 168 0.74 -44.13 0.84
C LEU C 168 -0.19 -43.04 0.30
N VAL C 169 -0.51 -43.02 -1.00
CA VAL C 169 -1.49 -42.04 -1.48
C VAL C 169 -2.92 -42.60 -1.62
N THR C 170 -3.09 -43.93 -1.60
CA THR C 170 -4.42 -44.55 -1.69
C THR C 170 -5.04 -44.79 -0.32
N ALA C 171 -4.23 -44.78 0.75
CA ALA C 171 -4.74 -44.94 2.10
C ALA C 171 -5.79 -43.87 2.42
N GLU C 172 -6.64 -44.17 3.41
CA GLU C 172 -7.66 -43.25 3.88
C GLU C 172 -7.01 -42.09 4.61
N GLY C 173 -7.50 -40.88 4.33
CA GLY C 173 -6.86 -39.68 4.86
C GLY C 173 -5.60 -39.24 4.14
N SER C 174 -5.33 -39.79 2.96
CA SER C 174 -4.29 -39.29 2.07
C SER C 174 -4.32 -37.77 2.00
N ASP C 175 -3.14 -37.13 2.13
CA ASP C 175 -3.00 -35.69 1.90
C ASP C 175 -2.57 -35.46 0.44
N GLN C 176 -3.53 -35.48 -0.44
CA GLN C 176 -3.34 -35.27 -1.86
C GLN C 176 -3.85 -33.90 -2.25
N VAL C 177 -3.01 -33.14 -2.97
CA VAL C 177 -3.29 -31.76 -3.35
C VAL C 177 -3.43 -31.71 -4.86
N PHE C 178 -4.31 -30.87 -5.36
CA PHE C 178 -4.40 -30.71 -6.81
C PHE C 178 -4.36 -29.22 -7.10
N ARG C 179 -3.41 -28.81 -7.94
CA ARG C 179 -3.20 -27.40 -8.25
C ARG C 179 -3.31 -27.06 -9.73
N VAL C 180 -4.05 -26.00 -10.01
CA VAL C 180 -4.19 -25.45 -11.35
C VAL C 180 -3.45 -24.11 -11.41
N ASN C 181 -2.43 -24.01 -12.24
CA ASN C 181 -1.65 -22.79 -12.36
C ASN C 181 -1.88 -22.15 -13.72
N HIS C 182 -2.14 -20.86 -13.71
CA HIS C 182 -2.19 -20.03 -14.91
C HIS C 182 -1.07 -18.99 -14.88
N TYR C 183 -0.09 -19.13 -15.79
CA TYR C 183 0.93 -18.09 -15.95
C TYR C 183 0.52 -17.23 -17.14
N PRO C 184 -0.12 -16.09 -16.96
CA PRO C 184 -0.56 -15.29 -18.11
C PRO C 184 0.61 -14.64 -18.83
N PRO C 185 0.39 -14.10 -20.04
CA PRO C 185 1.42 -13.29 -20.69
C PRO C 185 1.83 -12.09 -19.85
N CYS C 186 3.10 -11.68 -19.99
CA CYS C 186 3.60 -10.39 -19.47
C CYS C 186 3.93 -9.48 -20.67
N ARG C 187 2.95 -8.71 -21.15
CA ARG C 187 3.14 -7.90 -22.35
C ARG C 187 4.26 -6.88 -22.15
N ALA C 188 4.33 -6.28 -20.96
CA ALA C 188 5.30 -5.23 -20.71
C ALA C 188 6.73 -5.70 -20.92
N LEU C 189 7.02 -6.96 -20.58
CA LEU C 189 8.36 -7.50 -20.76
C LEU C 189 8.60 -8.05 -22.16
N GLN C 190 7.63 -7.91 -23.07
CA GLN C 190 7.80 -8.46 -24.41
C GLN C 190 9.00 -7.80 -25.05
N GLY C 191 9.99 -8.61 -25.41
CA GLY C 191 11.16 -8.14 -26.11
C GLY C 191 12.08 -7.26 -25.29
N LEU C 192 12.27 -7.54 -24.00
CA LEU C 192 13.13 -6.72 -23.17
C LEU C 192 14.35 -7.48 -22.66
N GLY C 193 14.52 -8.75 -23.01
CA GLY C 193 15.69 -9.51 -22.62
C GLY C 193 15.61 -10.23 -21.29
N CYS C 194 14.60 -9.90 -20.49
CA CYS C 194 14.40 -10.55 -19.20
C CYS C 194 12.98 -11.10 -19.09
N SER C 195 12.80 -12.07 -18.21
CA SER C 195 11.50 -12.69 -18.02
C SER C 195 11.12 -12.66 -16.54
N VAL C 196 9.83 -12.59 -16.26
CA VAL C 196 9.37 -12.60 -14.89
C VAL C 196 9.25 -14.04 -14.39
N THR C 197 9.54 -14.22 -13.10
CA THR C 197 9.39 -15.52 -12.45
C THR C 197 7.91 -15.90 -12.42
N GLY C 198 7.61 -17.10 -12.94
CA GLY C 198 6.25 -17.62 -12.88
C GLY C 198 6.06 -18.35 -11.57
N PHE C 199 7.03 -19.18 -11.22
CA PHE C 199 6.94 -19.91 -9.97
C PHE C 199 8.39 -20.14 -9.53
N GLY C 200 8.73 -19.59 -8.39
CA GLY C 200 10.11 -19.66 -7.94
C GLY C 200 10.60 -21.07 -7.70
N GLU C 201 11.92 -21.16 -7.66
CA GLU C 201 12.58 -22.43 -7.53
C GLU C 201 12.22 -23.09 -6.21
N HIS C 202 12.02 -24.39 -6.27
CA HIS C 202 11.73 -25.18 -5.10
C HIS C 202 11.82 -26.66 -5.43
N THR C 203 11.93 -27.49 -4.38
CA THR C 203 11.54 -28.89 -4.46
C THR C 203 10.19 -29.10 -3.79
N ASP C 204 9.45 -30.08 -4.31
CA ASP C 204 8.14 -30.41 -3.73
C ASP C 204 8.31 -31.22 -2.44
N PRO C 205 7.45 -31.00 -1.43
CA PRO C 205 7.64 -31.65 -0.14
C PRO C 205 7.17 -33.08 -0.01
N GLN C 206 6.20 -33.49 -0.82
CA GLN C 206 5.58 -34.78 -0.57
C GLN C 206 6.29 -35.86 -1.38
N LEU C 207 5.57 -36.85 -1.89
CA LEU C 207 6.21 -38.03 -2.46
C LEU C 207 6.48 -37.85 -3.95
N VAL C 208 5.43 -37.60 -4.71
CA VAL C 208 5.55 -37.45 -6.15
C VAL C 208 4.57 -36.40 -6.57
N SER C 209 4.93 -35.72 -7.63
CA SER C 209 4.12 -34.70 -8.24
C SER C 209 3.98 -35.09 -9.70
N VAL C 210 2.78 -34.91 -10.25
CA VAL C 210 2.51 -35.28 -11.63
C VAL C 210 1.92 -34.08 -12.35
N LEU C 211 2.65 -33.57 -13.33
CA LEU C 211 2.28 -32.34 -14.01
C LEU C 211 1.90 -32.60 -15.46
N ARG C 212 0.89 -31.87 -15.89
CA ARG C 212 0.58 -31.78 -17.30
C ARG C 212 0.35 -30.31 -17.59
N SER C 213 0.85 -29.82 -18.73
CA SER C 213 0.60 -28.44 -19.11
C SER C 213 0.01 -28.39 -20.52
N ASN C 214 -0.45 -27.20 -20.89
CA ASN C 214 -0.74 -26.88 -22.28
C ASN C 214 0.62 -26.78 -22.99
N GLY C 215 0.61 -26.34 -24.24
CA GLY C 215 1.85 -26.44 -25.02
C GLY C 215 2.90 -25.38 -24.74
N THR C 216 2.67 -24.49 -23.79
CA THR C 216 3.56 -23.37 -23.58
C THR C 216 4.79 -23.76 -22.79
N SER C 217 5.92 -23.12 -23.12
CA SER C 217 7.17 -23.33 -22.41
C SER C 217 7.12 -22.67 -21.05
N GLY C 218 8.15 -22.95 -20.24
CA GLY C 218 8.27 -22.27 -18.96
C GLY C 218 8.91 -23.09 -17.88
N LEU C 219 8.63 -24.40 -17.88
CA LEU C 219 9.16 -25.27 -16.84
C LEU C 219 10.65 -25.47 -17.02
N GLN C 220 11.37 -25.39 -15.91
CA GLN C 220 12.78 -25.67 -15.91
C GLN C 220 13.12 -26.51 -14.69
N ILE C 221 14.18 -27.29 -14.84
CA ILE C 221 14.70 -28.10 -13.75
C ILE C 221 16.18 -27.78 -13.60
N ALA C 222 16.68 -28.01 -12.39
CA ALA C 222 18.10 -27.87 -12.12
C ALA C 222 18.74 -29.25 -12.18
N LEU C 223 19.82 -29.37 -12.95
CA LEU C 223 20.56 -30.64 -13.04
C LEU C 223 21.46 -30.76 -11.81
N ARG C 224 22.04 -31.95 -11.62
CA ARG C 224 22.83 -32.17 -10.41
C ARG C 224 23.96 -31.14 -10.26
N ASP C 225 24.50 -30.66 -11.38
CA ASP C 225 25.56 -29.66 -11.34
C ASP C 225 25.03 -28.23 -11.17
N GLY C 226 23.72 -28.06 -10.98
CA GLY C 226 23.14 -26.76 -10.70
C GLY C 226 22.74 -25.95 -11.91
N GLN C 227 23.05 -26.42 -13.10
CA GLN C 227 22.62 -25.70 -14.29
C GLN C 227 21.12 -25.81 -14.45
N TRP C 228 20.51 -24.69 -14.82
CA TRP C 228 19.10 -24.63 -15.14
C TRP C 228 18.92 -24.92 -16.61
N VAL C 229 18.04 -25.86 -16.93
CA VAL C 229 17.73 -26.26 -18.29
C VAL C 229 16.21 -26.27 -18.45
N SER C 230 15.78 -25.93 -19.67
CA SER C 230 14.38 -25.89 -20.03
C SER C 230 13.84 -27.25 -20.46
N VAL C 231 12.67 -27.59 -19.94
CA VAL C 231 11.98 -28.83 -20.28
C VAL C 231 11.06 -28.51 -21.45
N PRO C 232 11.20 -29.22 -22.58
CA PRO C 232 10.27 -29.01 -23.70
C PRO C 232 8.87 -29.45 -23.28
N SER C 233 7.89 -28.58 -23.55
CA SER C 233 6.52 -28.85 -23.20
C SER C 233 5.92 -29.90 -24.11
N ASP C 234 4.97 -30.64 -23.57
CA ASP C 234 4.30 -31.70 -24.33
C ASP C 234 2.93 -31.86 -23.68
N ARG C 235 1.93 -31.21 -24.26
CA ARG C 235 0.59 -31.21 -23.70
C ARG C 235 -0.04 -32.59 -23.63
N ASP C 236 0.61 -33.62 -24.16
CA ASP C 236 0.03 -34.94 -24.20
C ASP C 236 0.69 -35.90 -23.22
N SER C 237 1.78 -35.51 -22.58
CA SER C 237 2.44 -36.40 -21.64
C SER C 237 2.38 -35.79 -20.22
N PHE C 238 2.86 -36.58 -19.27
CA PHE C 238 2.98 -36.13 -17.89
C PHE C 238 4.46 -36.01 -17.54
N PHE C 239 4.75 -35.10 -16.62
CA PHE C 239 6.09 -34.95 -16.09
C PHE C 239 6.01 -35.20 -14.59
N VAL C 240 6.85 -36.09 -14.10
CA VAL C 240 6.76 -36.56 -12.74
C VAL C 240 7.98 -36.04 -11.98
N ASN C 241 7.72 -35.48 -10.78
CA ASN C 241 8.75 -35.00 -9.87
C ASN C 241 8.88 -35.95 -8.68
N VAL C 242 10.11 -36.31 -8.34
CA VAL C 242 10.41 -36.85 -7.02
C VAL C 242 10.37 -35.72 -6.01
N GLY C 243 9.65 -35.92 -4.90
CA GLY C 243 9.56 -34.94 -3.85
C GLY C 243 10.36 -35.34 -2.63
N ASP C 244 10.46 -34.38 -1.71
CA ASP C 244 11.35 -34.53 -0.57
C ASP C 244 11.04 -35.82 0.17
N SER C 245 9.77 -36.13 0.34
CA SER C 245 9.42 -37.29 1.15
C SER C 245 9.89 -38.60 0.50
N LEU C 246 9.91 -38.66 -0.83
CA LEU C 246 10.43 -39.85 -1.53
C LEU C 246 11.96 -39.92 -1.44
N GLN C 247 12.64 -38.79 -1.46
CA GLN C 247 14.07 -38.84 -1.19
C GLN C 247 14.33 -39.49 0.18
N VAL C 248 13.47 -39.24 1.15
CA VAL C 248 13.66 -39.84 2.46
C VAL C 248 13.36 -41.33 2.43
N LEU C 249 12.22 -41.72 1.83
CA LEU C 249 11.86 -43.13 1.78
C LEU C 249 12.98 -43.98 1.18
N THR C 250 13.77 -43.43 0.25
CA THR C 250 14.88 -44.11 -0.38
C THR C 250 16.24 -43.72 0.21
N ASN C 251 16.27 -43.26 1.45
CA ASN C 251 17.48 -42.84 2.14
C ASN C 251 18.46 -42.09 1.25
N GLY C 252 17.95 -41.23 0.36
CA GLY C 252 18.81 -40.36 -0.41
C GLY C 252 19.06 -40.82 -1.82
N ARG C 253 18.62 -42.04 -2.13
CA ARG C 253 18.83 -42.60 -3.47
C ARG C 253 18.18 -41.72 -4.52
N PHE C 254 16.89 -41.45 -4.35
CA PHE C 254 16.17 -40.58 -5.27
C PHE C 254 16.28 -39.15 -4.73
N LYS C 255 16.80 -38.24 -5.53
CA LYS C 255 16.98 -36.85 -5.12
C LYS C 255 15.81 -36.01 -5.62
N SER C 256 15.18 -35.28 -4.70
CA SER C 256 14.16 -34.30 -5.07
C SER C 256 14.64 -33.39 -6.16
N VAL C 257 13.78 -33.14 -7.16
CA VAL C 257 14.14 -32.25 -8.26
C VAL C 257 13.78 -30.80 -7.93
N LYS C 258 14.74 -29.90 -8.12
CA LYS C 258 14.54 -28.48 -8.01
C LYS C 258 14.06 -27.95 -9.35
N HIS C 259 13.01 -27.15 -9.33
CA HIS C 259 12.38 -26.72 -10.55
C HIS C 259 11.69 -25.40 -10.33
N ARG C 260 11.36 -24.77 -11.43
CA ARG C 260 10.80 -23.44 -11.41
C ARG C 260 10.06 -23.28 -12.71
N VAL C 261 9.26 -22.21 -12.78
CA VAL C 261 8.59 -21.83 -13.99
C VAL C 261 9.00 -20.39 -14.30
N VAL C 262 9.45 -20.16 -15.55
CA VAL C 262 9.69 -18.82 -16.07
C VAL C 262 8.52 -18.44 -16.94
N ALA C 263 7.80 -17.38 -16.58
CA ALA C 263 6.68 -17.01 -17.41
C ALA C 263 7.14 -16.61 -18.80
N ASN C 264 6.30 -16.96 -19.78
CA ASN C 264 6.42 -16.54 -21.17
C ASN C 264 5.74 -15.19 -21.33
N SER C 265 6.39 -14.26 -22.04
CA SER C 265 5.80 -12.93 -22.17
C SER C 265 4.75 -12.86 -23.31
N LEU C 266 4.39 -13.99 -23.90
CA LEU C 266 3.58 -13.99 -25.12
C LEU C 266 2.30 -14.83 -25.05
N LYS C 267 2.33 -15.95 -24.32
CA LYS C 267 1.23 -16.90 -24.32
C LYS C 267 1.00 -17.41 -22.90
N SER C 268 -0.24 -17.80 -22.61
CA SER C 268 -0.56 -18.41 -21.32
C SER C 268 0.02 -19.81 -21.20
N ARG C 269 0.60 -20.10 -20.05
CA ARG C 269 0.94 -21.46 -19.67
C ARG C 269 -0.07 -21.91 -18.61
N VAL C 270 -0.78 -22.99 -18.89
CA VAL C 270 -1.76 -23.54 -17.95
C VAL C 270 -1.30 -24.93 -17.60
N SER C 271 -1.17 -25.18 -16.30
CA SER C 271 -0.58 -26.38 -15.72
C SER C 271 -1.60 -27.03 -14.78
N PHE C 272 -1.61 -28.36 -14.74
CA PHE C 272 -2.35 -29.12 -13.75
C PHE C 272 -1.34 -29.93 -12.97
N ILE C 273 -1.39 -29.89 -11.65
CA ILE C 273 -0.46 -30.69 -10.87
C ILE C 273 -1.16 -31.42 -9.76
N TYR C 274 -0.92 -32.75 -9.71
CA TYR C 274 -1.34 -33.64 -8.62
C TYR C 274 -0.13 -33.90 -7.73
N PHE C 275 -0.30 -33.72 -6.41
CA PHE C 275 0.76 -33.96 -5.45
C PHE C 275 0.35 -35.14 -4.57
N GLY C 276 1.17 -36.18 -4.57
CA GLY C 276 0.92 -37.33 -3.74
C GLY C 276 1.56 -37.20 -2.41
N GLY C 277 0.74 -36.96 -1.39
CA GLY C 277 1.21 -37.07 -0.05
C GLY C 277 0.53 -38.19 0.73
N PRO C 278 1.13 -38.56 1.85
CA PRO C 278 0.56 -39.60 2.69
C PRO C 278 -0.36 -38.99 3.72
N PRO C 279 -0.96 -39.82 4.57
CA PRO C 279 -1.74 -39.28 5.70
C PRO C 279 -0.86 -38.48 6.63
N LEU C 280 -1.50 -37.54 7.33
CA LEU C 280 -0.75 -36.64 8.21
C LEU C 280 0.07 -37.41 9.24
N ALA C 281 -0.44 -38.56 9.71
CA ALA C 281 0.23 -39.30 10.78
C ALA C 281 1.34 -40.23 10.28
N GLN C 282 1.54 -40.36 8.97
CA GLN C 282 2.59 -41.23 8.45
C GLN C 282 3.97 -40.80 8.93
N ARG C 283 4.73 -41.76 9.48
CA ARG C 283 6.13 -41.54 9.80
C ARG C 283 6.89 -41.70 8.49
N ILE C 284 7.77 -40.75 8.21
CA ILE C 284 8.53 -40.71 6.96
C ILE C 284 9.94 -41.15 7.30
N ALA C 285 10.37 -42.28 6.74
CA ALA C 285 11.70 -42.81 7.02
C ALA C 285 12.11 -43.72 5.88
N PRO C 286 13.39 -44.05 5.78
CA PRO C 286 13.81 -44.98 4.73
C PRO C 286 13.01 -46.25 4.84
N LEU C 287 12.46 -46.68 3.72
CA LEU C 287 11.81 -47.98 3.69
C LEU C 287 12.80 -49.03 4.23
N PRO C 288 12.41 -49.84 5.21
CA PRO C 288 13.37 -50.81 5.76
C PRO C 288 13.90 -51.76 4.71
N GLN C 289 13.16 -51.97 3.61
CA GLN C 289 13.61 -52.84 2.52
C GLN C 289 14.86 -52.29 1.83
N LEU C 290 15.01 -50.96 1.79
CA LEU C 290 16.11 -50.29 1.11
C LEU C 290 17.30 -50.03 2.04
N LEU C 291 17.21 -50.43 3.30
CA LEU C 291 18.30 -50.25 4.25
C LEU C 291 19.17 -51.50 4.26
N GLY C 292 20.35 -51.39 3.66
CA GLY C 292 21.28 -52.50 3.60
C GLY C 292 21.61 -53.07 4.97
N GLU C 293 22.84 -53.52 5.14
CA GLU C 293 23.29 -54.09 6.41
C GLU C 293 23.95 -53.03 7.28
N GLY C 294 23.29 -52.69 8.39
CA GLY C 294 23.80 -51.68 9.31
C GLY C 294 23.67 -50.27 8.76
N GLU C 295 23.22 -50.17 7.52
CA GLU C 295 23.03 -48.87 6.87
C GLU C 295 22.26 -47.93 7.80
N GLN C 296 22.72 -46.70 7.88
CA GLN C 296 22.10 -45.68 8.70
C GLN C 296 21.28 -44.72 7.83
N SER C 297 20.04 -44.48 8.28
CA SER C 297 19.23 -43.42 7.70
C SER C 297 19.96 -42.09 7.77
N LEU C 298 19.86 -41.32 6.69
CA LEU C 298 20.43 -39.97 6.67
C LEU C 298 19.54 -38.95 7.35
N TYR C 299 18.37 -39.33 7.84
CA TYR C 299 17.32 -38.36 8.18
C TYR C 299 16.80 -38.60 9.59
N LYS C 300 16.54 -37.49 10.29
CA LYS C 300 15.76 -37.53 11.52
C LYS C 300 14.39 -38.09 11.21
N GLU C 301 13.78 -38.74 12.21
CA GLU C 301 12.43 -39.24 12.05
C GLU C 301 11.45 -38.07 12.13
N PHE C 302 10.38 -38.18 11.35
CA PHE C 302 9.34 -37.15 11.33
C PHE C 302 8.10 -37.69 10.63
N THR C 303 7.00 -37.07 10.95
CA THR C 303 5.69 -37.34 10.36
C THR C 303 5.46 -36.35 9.22
N TRP C 304 4.53 -36.71 8.31
CA TRP C 304 4.21 -35.82 7.20
C TRP C 304 3.65 -34.49 7.71
N ASP C 305 2.78 -34.55 8.71
CA ASP C 305 2.27 -33.35 9.38
C ASP C 305 3.41 -32.43 9.79
N GLU C 306 4.44 -32.98 10.43
CA GLU C 306 5.58 -32.16 10.84
C GLU C 306 6.29 -31.56 9.65
N TYR C 307 6.60 -32.39 8.63
CA TYR C 307 7.28 -31.87 7.48
C TYR C 307 6.45 -30.78 6.83
N LYS C 308 5.15 -30.99 6.74
CA LYS C 308 4.32 -30.04 6.01
C LYS C 308 4.18 -28.73 6.76
N LYS C 309 4.01 -28.81 8.09
CA LYS C 309 3.97 -27.61 8.91
C LYS C 309 5.28 -26.83 8.79
N ALA C 310 6.42 -27.53 8.89
CA ALA C 310 7.71 -26.84 8.71
C ALA C 310 7.83 -26.25 7.31
N ALA C 311 7.20 -26.90 6.32
CA ALA C 311 7.24 -26.40 4.96
C ALA C 311 6.52 -25.08 4.84
N TYR C 312 5.33 -24.99 5.40
CA TYR C 312 4.60 -23.75 5.30
C TYR C 312 5.22 -22.62 6.12
N LYS C 313 6.13 -22.93 7.06
CA LYS C 313 6.87 -21.87 7.73
C LYS C 313 8.06 -21.37 6.93
N SER C 314 8.41 -22.05 5.82
CA SER C 314 9.62 -21.75 5.08
C SER C 314 9.30 -20.86 3.88
N ARG C 315 10.36 -20.35 3.28
CA ARG C 315 10.27 -19.76 1.97
C ARG C 315 10.40 -20.83 0.90
N LEU C 316 9.77 -20.54 -0.24
CA LEU C 316 9.68 -21.47 -1.37
C LEU C 316 11.02 -22.14 -1.70
N GLY C 317 12.08 -21.34 -1.85
CA GLY C 317 13.39 -21.83 -2.21
C GLY C 317 14.23 -22.38 -1.11
N ASP C 318 13.75 -22.41 0.13
CA ASP C 318 14.54 -22.99 1.20
C ASP C 318 14.77 -24.48 0.98
N ASN C 319 15.93 -24.94 1.39
CA ASN C 319 16.18 -26.38 1.51
C ASN C 319 15.45 -26.97 2.71
N ARG C 320 14.22 -27.42 2.52
CA ARG C 320 13.40 -27.90 3.63
C ARG C 320 13.93 -29.18 4.26
N LEU C 321 14.59 -30.04 3.48
CA LEU C 321 15.10 -31.29 3.99
C LEU C 321 16.26 -31.07 4.96
N ALA C 322 16.97 -29.95 4.83
CA ALA C 322 18.22 -29.77 5.56
C ALA C 322 18.01 -29.90 7.05
N GLN C 323 16.94 -29.31 7.57
CA GLN C 323 16.71 -29.33 9.00
C GLN C 323 16.25 -30.68 9.50
N PHE C 324 15.91 -31.60 8.60
CA PHE C 324 15.55 -32.95 9.01
C PHE C 324 16.68 -33.94 8.73
N GLU C 325 17.82 -33.46 8.26
CA GLU C 325 18.97 -34.32 8.05
C GLU C 325 19.73 -34.52 9.36
N LYS C 326 20.33 -35.69 9.51
CA LYS C 326 21.27 -35.93 10.59
C LYS C 326 22.61 -35.27 10.30
N LYS C 327 23.22 -34.72 11.34
CA LYS C 327 24.65 -34.41 11.39
C LYS C 327 25.50 -35.05 10.28
N HIS D 12 4.45 1.72 -10.79
CA HIS D 12 5.69 0.99 -10.97
C HIS D 12 6.69 1.86 -11.78
N ILE D 13 7.95 1.46 -11.79
CA ILE D 13 8.96 2.12 -12.62
C ILE D 13 9.10 1.29 -13.89
N PRO D 14 8.84 1.86 -15.07
CA PRO D 14 8.94 1.07 -16.30
C PRO D 14 10.34 0.48 -16.49
N LEU D 15 10.38 -0.76 -16.96
CA LEU D 15 11.63 -1.39 -17.34
C LEU D 15 11.93 -1.13 -18.82
N LEU D 16 13.21 -1.30 -19.16
CA LEU D 16 13.68 -1.05 -20.52
C LEU D 16 14.67 -2.12 -20.90
N ARG D 17 14.68 -2.47 -22.19
CA ARG D 17 15.75 -3.27 -22.76
C ARG D 17 17.08 -2.67 -22.35
N SER D 18 17.98 -3.49 -21.82
CA SER D 18 19.29 -2.94 -21.46
C SER D 18 19.96 -2.40 -22.72
N PRO D 19 20.71 -1.30 -22.62
CA PRO D 19 21.33 -0.74 -23.83
C PRO D 19 22.48 -1.61 -24.29
N ASP D 20 22.45 -2.01 -25.57
CA ASP D 20 23.61 -2.84 -25.94
C ASP D 20 24.69 -2.00 -26.61
N PRO D 21 25.98 -2.34 -26.40
CA PRO D 21 27.06 -1.51 -26.93
C PRO D 21 26.88 -1.20 -28.41
N GLY D 22 26.06 -2.00 -29.08
CA GLY D 22 25.70 -1.75 -30.46
C GLY D 22 25.20 -0.35 -30.75
N ASP D 23 24.60 0.32 -29.77
CA ASP D 23 23.89 1.57 -30.02
C ASP D 23 24.56 2.81 -29.42
N VAL D 24 25.80 2.70 -28.97
CA VAL D 24 26.56 3.89 -28.61
C VAL D 24 26.76 4.76 -29.84
N PHE D 25 26.36 6.03 -29.73
CA PHE D 25 26.43 7.00 -30.82
C PHE D 25 27.68 7.83 -30.67
N SER D 26 28.62 7.68 -31.61
CA SER D 26 29.86 8.44 -31.61
C SER D 26 29.73 9.80 -32.30
N GLY D 27 28.57 10.16 -32.82
CA GLY D 27 28.48 11.35 -33.65
C GLY D 27 27.78 12.54 -33.05
N VAL D 28 27.72 12.61 -31.72
CA VAL D 28 27.23 13.83 -31.08
C VAL D 28 28.14 14.99 -31.49
N PRO D 29 27.61 16.09 -32.04
CA PRO D 29 28.48 17.22 -32.40
C PRO D 29 29.23 17.73 -31.19
N VAL D 30 30.50 18.12 -31.39
CA VAL D 30 31.34 18.72 -30.35
C VAL D 30 31.49 20.20 -30.64
N VAL D 31 31.17 21.02 -29.65
CA VAL D 31 31.31 22.47 -29.75
C VAL D 31 32.47 22.85 -28.84
N ASP D 32 33.56 23.32 -29.46
CA ASP D 32 34.73 23.83 -28.74
C ASP D 32 34.45 25.32 -28.57
N LEU D 33 34.21 25.73 -27.34
CA LEU D 33 33.72 27.08 -27.11
C LEU D 33 34.82 28.12 -27.32
N GLY D 34 36.09 27.71 -27.27
CA GLY D 34 37.19 28.63 -27.47
C GLY D 34 37.81 28.56 -28.85
N SER D 35 37.06 28.06 -29.83
CA SER D 35 37.53 27.91 -31.20
C SER D 35 36.64 28.70 -32.16
N PRO D 36 37.20 29.22 -33.24
CA PRO D 36 36.37 29.89 -34.25
C PRO D 36 35.34 28.91 -34.79
N GLY D 37 34.23 29.47 -35.27
CA GLY D 37 33.17 28.60 -35.77
C GLY D 37 32.48 27.76 -34.73
N ALA D 38 32.69 28.01 -33.43
CA ALA D 38 31.76 27.50 -32.43
C ALA D 38 30.34 27.79 -32.86
N ALA D 39 30.10 29.00 -33.38
CA ALA D 39 28.76 29.43 -33.75
C ALA D 39 28.15 28.54 -34.82
N ARG D 40 28.91 28.21 -35.86
CA ARG D 40 28.34 27.40 -36.94
C ARG D 40 28.10 25.97 -36.46
N ALA D 41 29.00 25.45 -35.65
CA ALA D 41 28.83 24.08 -35.15
C ALA D 41 27.62 24.00 -34.24
N VAL D 42 27.44 25.01 -33.40
CA VAL D 42 26.31 25.05 -32.48
C VAL D 42 25.01 25.00 -33.27
N VAL D 43 24.89 25.86 -34.29
CA VAL D 43 23.64 25.91 -35.04
C VAL D 43 23.41 24.62 -35.80
N ASP D 44 24.46 24.05 -36.40
CA ASP D 44 24.27 22.79 -37.13
C ASP D 44 23.73 21.69 -36.22
N ALA D 45 24.33 21.54 -35.02
CA ALA D 45 23.89 20.50 -34.10
C ALA D 45 22.48 20.77 -33.58
N CYS D 46 22.09 22.04 -33.43
CA CYS D 46 20.75 22.33 -32.93
C CYS D 46 19.70 21.97 -33.96
N GLU D 47 20.08 21.99 -35.25
CA GLU D 47 19.16 21.64 -36.34
C GLU D 47 19.11 20.13 -36.52
N ARG D 48 20.25 19.48 -36.48
CA ARG D 48 20.34 18.07 -36.84
C ARG D 48 19.99 17.14 -35.70
N TYR D 49 20.25 17.55 -34.45
CA TYR D 49 20.10 16.63 -33.32
C TYR D 49 19.32 17.24 -32.17
N GLY D 50 19.37 18.57 -32.05
CA GLY D 50 18.86 19.25 -30.90
C GLY D 50 19.75 19.13 -29.69
N PHE D 51 21.02 18.72 -29.87
CA PHE D 51 21.83 18.21 -28.77
C PHE D 51 23.30 18.33 -29.15
N PHE D 52 24.16 18.77 -28.22
CA PHE D 52 25.58 18.76 -28.53
C PHE D 52 26.42 18.77 -27.27
N LYS D 53 27.67 18.33 -27.44
CA LYS D 53 28.64 18.42 -26.39
C LYS D 53 29.36 19.77 -26.43
N VAL D 54 29.75 20.26 -25.26
CA VAL D 54 30.44 21.53 -25.14
C VAL D 54 31.74 21.23 -24.42
N VAL D 55 32.86 21.53 -25.07
CA VAL D 55 34.17 21.32 -24.48
C VAL D 55 34.88 22.67 -24.36
N ASN D 56 35.93 22.69 -23.57
CA ASN D 56 36.78 23.89 -23.45
C ASN D 56 35.95 25.12 -23.07
N HIS D 57 35.31 25.00 -21.88
CA HIS D 57 34.22 25.86 -21.44
C HIS D 57 34.58 26.74 -20.26
N GLY D 58 35.74 26.54 -19.64
CA GLY D 58 36.22 27.43 -18.62
C GLY D 58 35.77 27.12 -17.20
N VAL D 59 34.89 26.14 -17.01
CA VAL D 59 34.52 25.74 -15.66
C VAL D 59 35.59 24.78 -15.16
N ALA D 60 36.20 25.11 -14.02
CA ALA D 60 37.32 24.32 -13.52
C ALA D 60 36.87 22.92 -13.09
N THR D 61 37.72 21.93 -13.40
CA THR D 61 37.58 20.59 -12.85
C THR D 61 37.32 20.61 -11.35
N ASP D 62 38.01 21.49 -10.64
CA ASP D 62 37.90 21.56 -9.19
C ASP D 62 36.49 21.94 -8.75
N THR D 63 35.86 22.88 -9.46
CA THR D 63 34.53 23.31 -9.02
C THR D 63 33.45 22.27 -9.33
N MET D 64 33.65 21.42 -10.35
CA MET D 64 32.71 20.32 -10.63
C MET D 64 32.84 19.23 -9.58
N ASP D 65 34.07 18.82 -9.25
CA ASP D 65 34.25 17.73 -8.30
C ASP D 65 33.73 18.07 -6.92
N LYS D 66 33.84 19.33 -6.50
CA LYS D 66 33.35 19.69 -5.17
C LYS D 66 31.83 19.75 -5.14
N ALA D 67 31.21 20.26 -6.21
CA ALA D 67 29.76 20.18 -6.31
C ALA D 67 29.32 18.71 -6.20
N GLU D 68 29.99 17.85 -6.94
CA GLU D 68 29.63 16.44 -6.96
C GLU D 68 29.79 15.82 -5.57
N SER D 69 30.97 15.99 -4.95
CA SER D 69 31.20 15.27 -3.68
C SER D 69 30.28 15.76 -2.57
N GLU D 70 29.95 17.05 -2.55
CA GLU D 70 28.94 17.52 -1.59
C GLU D 70 27.57 16.92 -1.88
N ALA D 71 27.22 16.79 -3.16
CA ALA D 71 25.97 16.12 -3.52
C ALA D 71 26.02 14.63 -3.17
N VAL D 72 27.18 14.01 -3.36
CA VAL D 72 27.36 12.62 -2.99
C VAL D 72 27.17 12.47 -1.49
N ARG D 73 27.70 13.43 -0.74
CA ARG D 73 27.54 13.48 0.71
C ARG D 73 26.08 13.63 1.08
N PHE D 74 25.35 14.48 0.35
CA PHE D 74 23.94 14.69 0.71
C PHE D 74 23.14 13.40 0.51
N PHE D 75 23.30 12.77 -0.65
CA PHE D 75 22.57 11.56 -0.97
C PHE D 75 23.02 10.40 -0.11
N SER D 76 24.15 10.57 0.57
CA SER D 76 24.68 9.53 1.44
C SER D 76 23.90 9.43 2.74
N GLN D 77 23.31 10.56 3.18
CA GLN D 77 22.56 10.56 4.41
C GLN D 77 21.49 9.47 4.42
N THR D 78 20.88 9.27 5.57
CA THR D 78 19.81 8.31 5.71
C THR D 78 18.55 8.81 5.00
N GLN D 79 17.66 7.88 4.67
CA GLN D 79 16.42 8.29 4.01
C GLN D 79 15.62 9.20 4.93
N PRO D 80 15.41 8.85 6.21
CA PRO D 80 14.81 9.82 7.13
C PRO D 80 15.37 11.22 7.07
N ASP D 81 16.69 11.40 7.03
CA ASP D 81 17.22 12.77 7.02
C ASP D 81 16.98 13.46 5.70
N LYS D 82 17.15 12.74 4.58
CA LYS D 82 16.87 13.34 3.29
C LYS D 82 15.40 13.75 3.18
N ASP D 83 14.48 12.91 3.72
CA ASP D 83 13.06 13.23 3.62
C ASP D 83 12.70 14.55 4.30
N ARG D 84 13.51 15.00 5.25
CA ARG D 84 13.26 16.29 5.89
C ARG D 84 13.28 17.42 4.88
N SER D 85 14.10 17.32 3.84
CA SER D 85 14.20 18.37 2.83
C SER D 85 13.16 18.21 1.72
N GLY D 86 12.28 17.21 1.83
CA GLY D 86 11.31 16.94 0.79
C GLY D 86 9.88 17.35 1.12
N PRO D 87 8.92 16.95 0.26
CA PRO D 87 9.28 16.53 -1.12
C PRO D 87 9.71 17.77 -1.93
N ALA D 88 9.73 17.61 -3.26
CA ALA D 88 10.58 18.41 -4.14
C ALA D 88 9.92 19.67 -4.65
N TYR D 89 8.68 19.92 -4.29
CA TYR D 89 7.93 21.06 -4.83
C TYR D 89 7.49 21.98 -3.70
N PRO D 90 7.64 23.30 -3.82
CA PRO D 90 8.12 24.02 -4.99
C PRO D 90 9.63 23.88 -5.18
N PHE D 91 10.29 23.23 -4.22
CA PHE D 91 11.72 23.00 -4.27
C PHE D 91 12.09 22.01 -3.17
N GLY D 92 13.17 21.29 -3.37
CA GLY D 92 13.62 20.37 -2.35
C GLY D 92 14.00 19.01 -2.85
N TYR D 93 13.90 18.02 -1.99
CA TYR D 93 14.34 16.67 -2.28
C TYR D 93 13.17 15.82 -2.70
N GLY D 94 13.38 15.00 -3.74
CA GLY D 94 12.41 14.01 -4.14
C GLY D 94 13.04 12.64 -4.35
N SER D 95 12.18 11.64 -4.31
CA SER D 95 12.59 10.26 -4.54
C SER D 95 11.57 9.58 -5.41
N LYS D 96 12.03 9.02 -6.54
CA LYS D 96 11.24 8.23 -7.50
C LYS D 96 10.16 8.98 -8.29
N ARG D 97 9.33 9.77 -7.63
CA ARG D 97 8.24 10.45 -8.32
C ARG D 97 8.75 11.66 -9.08
N ILE D 98 8.34 11.76 -10.34
CA ILE D 98 8.72 12.84 -11.24
C ILE D 98 7.45 13.58 -11.63
N GLY D 99 7.33 14.84 -11.22
CA GLY D 99 6.14 15.61 -11.54
C GLY D 99 4.94 15.19 -10.72
N PHE D 100 3.76 15.52 -11.22
CA PHE D 100 2.51 15.43 -10.49
C PHE D 100 1.60 14.31 -10.96
N ASN D 101 1.86 13.70 -12.10
CA ASN D 101 0.90 12.80 -12.72
C ASN D 101 1.35 11.35 -12.76
N GLY D 102 2.12 10.91 -11.74
CA GLY D 102 2.43 9.49 -11.61
C GLY D 102 3.66 8.99 -12.35
N ASP D 103 4.42 9.86 -13.02
CA ASP D 103 5.66 9.37 -13.61
C ASP D 103 6.64 8.98 -12.51
N MET D 104 7.42 7.95 -12.78
CA MET D 104 8.38 7.47 -11.80
C MET D 104 9.67 7.06 -12.52
N GLY D 105 10.80 7.23 -11.83
CA GLY D 105 12.05 6.63 -12.25
C GLY D 105 12.85 6.18 -11.04
N TRP D 106 13.88 5.38 -11.33
CA TRP D 106 14.82 4.92 -10.32
C TRP D 106 15.88 5.99 -10.06
N LEU D 107 15.49 6.98 -9.27
CA LEU D 107 16.33 8.13 -8.99
C LEU D 107 15.88 8.81 -7.70
N GLU D 108 16.77 9.62 -7.14
CA GLU D 108 16.44 10.66 -6.15
C GLU D 108 17.06 11.95 -6.67
N TYR D 109 16.63 13.10 -6.13
CA TYR D 109 17.07 14.35 -6.76
C TYR D 109 16.79 15.54 -5.87
N LEU D 110 17.45 16.65 -6.18
CA LEU D 110 17.13 17.98 -5.67
C LEU D 110 16.68 18.82 -6.86
N LEU D 111 15.53 19.48 -6.70
CA LEU D 111 15.06 20.51 -7.62
C LEU D 111 15.18 21.83 -6.90
N LEU D 112 15.96 22.76 -7.45
CA LEU D 112 16.31 23.98 -6.76
C LEU D 112 16.00 25.16 -7.67
N ALA D 113 15.81 26.31 -7.06
CA ALA D 113 15.40 27.50 -7.78
C ALA D 113 16.56 28.49 -7.71
N LEU D 114 16.77 29.22 -8.78
CA LEU D 114 17.91 30.12 -8.88
C LEU D 114 17.41 31.55 -8.91
N ASP D 115 18.13 32.44 -8.24
CA ASP D 115 18.04 33.88 -8.44
C ASP D 115 19.30 34.28 -9.20
N ASP D 116 19.13 34.71 -10.44
CA ASP D 116 20.25 35.17 -11.29
C ASP D 116 21.24 34.03 -11.45
N ALA D 117 22.47 34.15 -10.97
CA ALA D 117 23.47 33.09 -11.11
C ALA D 117 23.77 32.41 -9.79
N SER D 118 22.79 32.36 -8.89
CA SER D 118 22.99 31.74 -7.58
C SER D 118 21.71 31.04 -7.15
N LEU D 119 21.84 30.11 -6.20
CA LEU D 119 20.69 29.57 -5.47
C LEU D 119 19.91 30.69 -4.80
N ALA D 120 18.64 30.83 -5.16
CA ALA D 120 17.75 31.76 -4.47
C ALA D 120 17.82 31.56 -2.96
N ASP D 121 17.92 32.67 -2.23
CA ASP D 121 17.87 32.60 -0.77
C ASP D 121 16.57 32.00 -0.28
N ALA D 122 15.47 32.19 -1.04
CA ALA D 122 14.19 31.58 -0.71
C ALA D 122 14.23 30.05 -0.78
N CYS D 123 15.13 29.50 -1.62
CA CYS D 123 15.31 28.06 -1.77
C CYS D 123 16.18 27.55 -0.63
N THR D 124 15.55 27.16 0.46
CA THR D 124 16.28 26.84 1.68
C THR D 124 16.96 25.48 1.62
N VAL D 125 16.69 24.67 0.60
CA VAL D 125 17.38 23.40 0.38
C VAL D 125 18.47 23.62 -0.65
N PRO D 126 19.70 23.11 -0.42
CA PRO D 126 20.13 22.40 0.81
C PRO D 126 20.47 23.41 1.90
N SER D 127 20.48 22.96 3.15
CA SER D 127 20.73 23.85 4.29
C SER D 127 22.21 23.98 4.61
N CYS D 128 22.98 22.90 4.39
CA CYS D 128 24.41 22.86 4.68
C CYS D 128 25.16 23.93 3.92
N ALA D 129 25.93 24.75 4.65
CA ALA D 129 26.59 25.89 4.03
C ALA D 129 27.68 25.44 3.05
N VAL D 130 28.42 24.38 3.41
CA VAL D 130 29.44 23.86 2.51
C VAL D 130 28.81 23.46 1.18
N PHE D 131 27.73 22.68 1.24
CA PHE D 131 27.03 22.22 0.03
C PHE D 131 26.52 23.39 -0.78
N ARG D 132 25.89 24.36 -0.13
CA ARG D 132 25.39 25.54 -0.84
C ARG D 132 26.49 26.31 -1.54
N ALA D 133 27.65 26.44 -0.88
CA ALA D 133 28.78 27.12 -1.51
C ALA D 133 29.20 26.39 -2.80
N ALA D 134 29.44 25.09 -2.71
CA ALA D 134 29.88 24.32 -3.89
C ALA D 134 28.88 24.44 -5.04
N LEU D 135 27.61 24.15 -4.76
CA LEU D 135 26.56 24.37 -5.76
C LEU D 135 26.67 25.75 -6.39
N ASN D 136 26.60 26.80 -5.57
CA ASN D 136 26.55 28.17 -6.08
C ASN D 136 27.74 28.50 -6.97
N GLU D 137 28.94 28.04 -6.61
CA GLU D 137 30.09 28.22 -7.49
C GLU D 137 29.93 27.44 -8.79
N TYR D 138 29.48 26.18 -8.69
CA TYR D 138 29.15 25.42 -9.89
C TYR D 138 28.06 26.12 -10.71
N ILE D 139 26.97 26.53 -10.05
CA ILE D 139 25.85 27.14 -10.76
C ILE D 139 26.31 28.38 -11.52
N SER D 140 27.18 29.18 -10.90
CA SER D 140 27.69 30.37 -11.57
C SER D 140 28.47 30.00 -12.83
N GLY D 141 29.38 29.03 -12.72
CA GLY D 141 30.08 28.56 -13.91
C GLY D 141 29.15 28.13 -15.04
N VAL D 142 28.21 27.23 -14.74
CA VAL D 142 27.42 26.65 -15.82
C VAL D 142 26.51 27.70 -16.41
N ARG D 143 26.07 28.67 -15.59
CA ARG D 143 25.19 29.67 -16.16
C ARG D 143 25.94 30.55 -17.15
N LYS D 144 27.21 30.87 -16.84
CA LYS D 144 28.05 31.54 -17.84
C LYS D 144 28.17 30.69 -19.09
N VAL D 145 28.33 29.36 -18.94
CA VAL D 145 28.44 28.51 -20.14
C VAL D 145 27.16 28.56 -20.95
N ALA D 146 26.02 28.57 -20.27
CA ALA D 146 24.72 28.69 -20.95
C ALA D 146 24.61 30.00 -21.71
N VAL D 147 25.02 31.11 -21.09
CA VAL D 147 24.94 32.38 -21.79
C VAL D 147 25.84 32.36 -23.03
N ARG D 148 27.08 31.92 -22.88
CA ARG D 148 27.97 31.89 -24.05
C ARG D 148 27.39 31.02 -25.15
N VAL D 149 26.78 29.87 -24.77
CA VAL D 149 26.17 28.98 -25.74
C VAL D 149 25.03 29.68 -26.46
N MET D 150 24.17 30.40 -25.73
CA MET D 150 23.08 31.09 -26.42
C MET D 150 23.59 32.24 -27.29
N GLU D 151 24.65 32.91 -26.86
CA GLU D 151 25.27 33.94 -27.72
C GLU D 151 25.81 33.30 -28.98
N ALA D 152 26.40 32.11 -28.88
CA ALA D 152 26.93 31.44 -30.07
C ALA D 152 25.81 31.06 -31.01
N MET D 153 24.63 30.73 -30.49
CA MET D 153 23.50 30.40 -31.36
C MET D 153 23.00 31.62 -32.10
N SER D 154 22.98 32.80 -31.45
CA SER D 154 22.53 33.99 -32.16
C SER D 154 23.54 34.39 -33.24
N GLU D 155 24.84 34.36 -32.93
CA GLU D 155 25.85 34.60 -33.96
C GLU D 155 25.63 33.67 -35.14
N GLY D 156 25.53 32.36 -34.87
CA GLY D 156 25.33 31.36 -35.91
C GLY D 156 24.03 31.46 -36.66
N LEU D 157 23.08 32.25 -36.17
CA LEU D 157 21.81 32.44 -36.87
C LEU D 157 21.76 33.72 -37.69
N GLY D 158 22.82 34.56 -37.64
CA GLY D 158 22.84 35.79 -38.40
C GLY D 158 21.98 36.85 -37.75
N ILE D 159 22.18 37.02 -36.45
CA ILE D 159 21.41 37.95 -35.63
C ILE D 159 22.40 38.93 -35.04
N ALA D 160 22.19 40.23 -35.33
CA ALA D 160 23.12 41.27 -34.89
C ALA D 160 23.06 41.48 -33.39
N GLN D 161 21.87 41.50 -32.82
CA GLN D 161 21.72 41.51 -31.35
C GLN D 161 22.24 40.16 -30.83
N ALA D 162 23.45 40.16 -30.24
CA ALA D 162 24.08 38.92 -29.79
C ALA D 162 23.53 38.41 -28.45
N ASP D 163 22.72 39.22 -27.77
CA ASP D 163 22.02 38.77 -26.58
C ASP D 163 20.54 38.49 -26.87
N ALA D 164 20.18 38.27 -28.14
CA ALA D 164 18.77 38.10 -28.50
C ALA D 164 18.15 36.90 -27.80
N LEU D 165 18.94 35.87 -27.52
CA LEU D 165 18.48 34.73 -26.73
C LEU D 165 18.97 34.82 -25.30
N SER D 166 20.26 35.09 -25.11
CA SER D 166 20.86 35.23 -23.79
C SER D 166 20.03 36.09 -22.86
N ALA D 167 19.37 37.15 -23.37
CA ALA D 167 18.69 38.10 -22.48
C ALA D 167 17.53 37.46 -21.73
N LEU D 168 16.90 36.44 -22.32
CA LEU D 168 15.75 35.80 -21.71
C LEU D 168 16.11 35.12 -20.40
N VAL D 169 17.34 34.63 -20.26
CA VAL D 169 17.73 34.04 -18.98
C VAL D 169 18.61 34.97 -18.15
N THR D 170 19.11 36.06 -18.71
CA THR D 170 19.75 37.08 -17.87
C THR D 170 18.76 38.12 -17.34
N ALA D 171 17.58 38.26 -17.96
CA ALA D 171 16.53 39.15 -17.42
C ALA D 171 16.31 38.90 -15.93
N GLU D 172 15.90 39.96 -15.21
CA GLU D 172 15.42 39.80 -13.85
C GLU D 172 14.12 39.03 -13.86
N GLY D 173 13.91 38.20 -12.84
CA GLY D 173 12.76 37.32 -12.85
C GLY D 173 12.84 36.20 -13.87
N SER D 174 13.99 35.97 -14.51
CA SER D 174 14.16 34.76 -15.30
C SER D 174 13.82 33.57 -14.42
N ASP D 175 13.10 32.61 -15.01
CA ASP D 175 12.76 31.35 -14.34
C ASP D 175 13.78 30.26 -14.68
N GLN D 176 14.81 30.13 -13.85
CA GLN D 176 15.86 29.13 -14.04
C GLN D 176 15.77 28.08 -12.95
N VAL D 177 15.89 26.81 -13.33
CA VAL D 177 15.80 25.70 -12.40
C VAL D 177 17.14 24.97 -12.45
N PHE D 178 17.52 24.35 -11.34
CA PHE D 178 18.73 23.54 -11.27
C PHE D 178 18.37 22.23 -10.57
N ARG D 179 18.67 21.10 -11.20
CA ARG D 179 18.40 19.83 -10.53
C ARG D 179 19.66 19.00 -10.42
N VAL D 180 19.74 18.26 -9.34
CA VAL D 180 20.80 17.29 -9.08
C VAL D 180 20.16 15.92 -9.10
N ASN D 181 20.51 15.08 -10.06
CA ASN D 181 19.91 13.76 -10.12
C ASN D 181 20.91 12.70 -9.68
N HIS D 182 20.42 11.72 -8.94
CA HIS D 182 21.22 10.60 -8.48
C HIS D 182 20.52 9.30 -8.86
N TYR D 183 21.15 8.52 -9.74
CA TYR D 183 20.62 7.23 -10.16
C TYR D 183 21.45 6.15 -9.47
N PRO D 184 20.99 5.58 -8.36
CA PRO D 184 21.81 4.61 -7.67
C PRO D 184 21.77 3.29 -8.40
N PRO D 185 22.59 2.34 -7.98
CA PRO D 185 22.59 1.04 -8.64
C PRO D 185 21.28 0.35 -8.39
N CYS D 186 20.97 -0.61 -9.26
CA CYS D 186 19.78 -1.46 -9.11
C CYS D 186 20.26 -2.91 -9.04
N ARG D 187 20.52 -3.39 -7.82
CA ARG D 187 21.20 -4.67 -7.68
C ARG D 187 20.31 -5.81 -8.15
N ALA D 188 19.00 -5.70 -7.95
CA ALA D 188 18.08 -6.72 -8.43
C ALA D 188 18.34 -7.11 -9.89
N LEU D 189 18.80 -6.17 -10.73
CA LEU D 189 18.76 -6.37 -12.17
C LEU D 189 20.11 -6.70 -12.78
N GLN D 190 21.17 -6.78 -12.00
CA GLN D 190 22.52 -6.82 -12.56
C GLN D 190 22.71 -8.04 -13.46
N GLY D 191 23.11 -7.77 -14.70
CA GLY D 191 23.31 -8.82 -15.69
C GLY D 191 22.07 -9.59 -16.09
N LEU D 192 20.93 -8.90 -16.25
CA LEU D 192 19.69 -9.58 -16.65
C LEU D 192 19.18 -9.18 -18.03
N GLY D 193 19.73 -8.13 -18.65
CA GLY D 193 19.32 -7.76 -20.00
C GLY D 193 18.16 -6.80 -20.05
N CYS D 194 17.64 -6.48 -18.87
CA CYS D 194 16.60 -5.48 -18.70
C CYS D 194 17.06 -4.48 -17.64
N SER D 195 16.82 -3.21 -17.88
CA SER D 195 17.30 -2.16 -17.03
C SER D 195 16.07 -1.39 -16.61
N VAL D 196 16.20 -0.70 -15.54
CA VAL D 196 15.13 0.14 -15.04
C VAL D 196 15.30 1.57 -15.54
N THR D 197 14.17 2.21 -15.84
CA THR D 197 14.15 3.62 -16.17
C THR D 197 14.67 4.48 -15.04
N GLY D 198 15.72 5.24 -15.31
CA GLY D 198 16.19 6.26 -14.40
C GLY D 198 15.35 7.52 -14.53
N PHE D 199 15.00 7.85 -15.77
CA PHE D 199 14.23 9.07 -16.01
C PHE D 199 13.61 8.91 -17.39
N GLY D 200 12.29 8.89 -17.44
CA GLY D 200 11.58 8.53 -18.66
C GLY D 200 11.70 9.59 -19.73
N GLU D 201 11.45 9.17 -20.96
CA GLU D 201 11.63 10.04 -22.11
C GLU D 201 10.81 11.33 -22.01
N HIS D 202 11.39 12.41 -22.54
CA HIS D 202 10.76 13.73 -22.53
C HIS D 202 11.59 14.68 -23.36
N THR D 203 10.95 15.78 -23.75
CA THR D 203 11.66 17.01 -24.14
C THR D 203 11.59 18.00 -22.99
N ASP D 204 12.61 18.83 -22.90
CA ASP D 204 12.56 19.84 -21.86
C ASP D 204 11.76 21.04 -22.35
N PRO D 205 10.98 21.67 -21.46
CA PRO D 205 10.10 22.79 -21.88
C PRO D 205 10.80 24.14 -22.04
N GLN D 206 11.94 24.37 -21.37
CA GLN D 206 12.63 25.66 -21.37
C GLN D 206 13.32 25.98 -22.70
N LEU D 207 14.28 26.92 -22.67
CA LEU D 207 15.06 27.26 -23.86
C LEU D 207 16.20 26.27 -24.06
N VAL D 208 17.04 26.10 -23.04
CA VAL D 208 18.15 25.18 -23.11
C VAL D 208 18.34 24.56 -21.74
N SER D 209 18.94 23.38 -21.74
CA SER D 209 19.42 22.77 -20.52
C SER D 209 20.87 22.36 -20.70
N VAL D 210 21.63 22.48 -19.62
CA VAL D 210 23.06 22.21 -19.65
C VAL D 210 23.40 21.21 -18.57
N LEU D 211 23.86 20.03 -19.01
CA LEU D 211 24.01 18.84 -18.17
C LEU D 211 25.47 18.50 -17.98
N ARG D 212 25.80 18.02 -16.79
CA ARG D 212 27.11 17.41 -16.53
C ARG D 212 26.87 16.23 -15.61
N SER D 213 27.61 15.15 -15.84
CA SER D 213 27.48 13.97 -15.00
C SER D 213 28.87 13.45 -14.64
N ASN D 214 28.92 12.52 -13.68
CA ASN D 214 30.10 11.68 -13.50
C ASN D 214 30.17 10.73 -14.68
N GLY D 215 31.11 9.79 -14.62
CA GLY D 215 31.45 9.01 -15.80
C GLY D 215 30.45 7.94 -16.13
N THR D 216 29.46 7.73 -15.28
CA THR D 216 28.54 6.60 -15.42
C THR D 216 27.64 6.79 -16.63
N SER D 217 27.46 5.70 -17.39
CA SER D 217 26.59 5.72 -18.55
C SER D 217 25.15 5.98 -18.12
N GLY D 218 24.30 6.21 -19.13
CA GLY D 218 22.87 6.27 -18.91
C GLY D 218 22.06 7.24 -19.75
N LEU D 219 22.67 8.35 -20.16
CA LEU D 219 22.00 9.32 -21.00
C LEU D 219 21.78 8.74 -22.39
N GLN D 220 20.57 8.85 -22.88
CA GLN D 220 20.22 8.43 -24.22
C GLN D 220 19.41 9.53 -24.89
N ILE D 221 19.56 9.63 -26.21
CA ILE D 221 18.74 10.54 -27.00
C ILE D 221 18.09 9.78 -28.13
N ALA D 222 16.99 10.35 -28.61
CA ALA D 222 16.25 9.84 -29.76
C ALA D 222 16.71 10.61 -30.99
N LEU D 223 17.20 9.89 -31.98
CA LEU D 223 17.53 10.54 -33.24
C LEU D 223 16.25 10.88 -34.01
N ARG D 224 16.42 11.64 -35.10
CA ARG D 224 15.26 12.14 -35.84
C ARG D 224 14.29 11.02 -36.24
N ASP D 225 14.80 9.79 -36.48
CA ASP D 225 14.02 8.65 -36.98
C ASP D 225 12.71 8.32 -36.25
N GLY D 226 12.74 7.91 -34.97
CA GLY D 226 13.84 8.08 -34.06
C GLY D 226 14.25 6.88 -33.20
N GLN D 227 15.34 6.28 -33.62
CA GLN D 227 16.01 5.30 -32.79
C GLN D 227 16.58 5.97 -31.55
N TRP D 228 16.62 5.21 -30.46
CA TRP D 228 17.31 5.54 -29.22
C TRP D 228 18.77 5.11 -29.29
N VAL D 229 19.69 6.05 -28.99
CA VAL D 229 21.12 5.77 -28.97
C VAL D 229 21.72 6.24 -27.65
N SER D 230 22.79 5.57 -27.21
CA SER D 230 23.48 5.93 -25.96
C SER D 230 24.53 7.01 -26.23
N VAL D 231 24.57 8.04 -25.39
CA VAL D 231 25.60 9.07 -25.45
C VAL D 231 26.65 8.74 -24.42
N PRO D 232 27.92 8.56 -24.82
CA PRO D 232 28.95 8.30 -23.81
C PRO D 232 29.05 9.47 -22.84
N SER D 233 29.09 9.15 -21.56
CA SER D 233 29.31 10.15 -20.54
C SER D 233 30.71 10.74 -20.66
N ASP D 234 30.86 11.94 -20.14
CA ASP D 234 32.14 12.66 -20.21
C ASP D 234 32.12 13.67 -19.07
N ARG D 235 32.65 13.27 -17.91
CA ARG D 235 32.65 14.11 -16.74
C ARG D 235 33.34 15.46 -16.93
N ASP D 236 34.13 15.63 -17.98
CA ASP D 236 34.86 16.89 -18.16
C ASP D 236 34.07 17.91 -18.98
N SER D 237 32.93 17.54 -19.56
CA SER D 237 32.26 18.37 -20.56
C SER D 237 30.78 18.53 -20.23
N PHE D 238 30.10 19.41 -20.97
CA PHE D 238 28.67 19.60 -20.82
C PHE D 238 27.94 19.07 -22.05
N PHE D 239 26.69 18.65 -21.86
CA PHE D 239 25.79 18.32 -22.95
C PHE D 239 24.59 19.26 -22.86
N VAL D 240 24.21 19.80 -24.01
CA VAL D 240 23.23 20.86 -24.10
C VAL D 240 22.05 20.34 -24.90
N ASN D 241 20.84 20.52 -24.35
CA ASN D 241 19.60 20.21 -25.03
C ASN D 241 18.93 21.48 -25.52
N VAL D 242 18.42 21.43 -26.75
CA VAL D 242 17.36 22.34 -27.18
C VAL D 242 16.07 21.98 -26.46
N GLY D 243 15.46 22.95 -25.78
CA GLY D 243 14.15 22.79 -25.19
C GLY D 243 13.04 23.39 -26.04
N ASP D 244 11.79 23.02 -25.71
CA ASP D 244 10.63 23.37 -26.53
C ASP D 244 10.55 24.87 -26.80
N SER D 245 10.80 25.67 -25.78
CA SER D 245 10.66 27.11 -25.95
C SER D 245 11.60 27.63 -27.02
N LEU D 246 12.78 27.02 -27.16
CA LEU D 246 13.76 27.42 -28.18
C LEU D 246 13.37 26.88 -29.56
N GLN D 247 12.63 25.78 -29.62
CA GLN D 247 12.01 25.37 -30.87
C GLN D 247 11.08 26.47 -31.35
N VAL D 248 10.34 27.11 -30.43
CA VAL D 248 9.36 28.12 -30.80
C VAL D 248 10.04 29.43 -31.16
N LEU D 249 11.03 29.86 -30.36
CA LEU D 249 11.81 31.04 -30.69
C LEU D 249 12.50 30.92 -32.05
N THR D 250 12.70 29.69 -32.59
CA THR D 250 13.27 29.52 -33.92
C THR D 250 12.25 28.97 -34.90
N ASN D 251 10.97 29.10 -34.58
CA ASN D 251 9.89 28.64 -35.43
C ASN D 251 10.12 27.26 -36.02
N GLY D 252 10.64 26.34 -35.22
CA GLY D 252 10.80 24.97 -35.66
C GLY D 252 12.13 24.63 -36.29
N ARG D 253 13.09 25.56 -36.29
CA ARG D 253 14.37 25.27 -36.92
C ARG D 253 15.24 24.37 -36.03
N PHE D 254 15.34 24.69 -34.74
CA PHE D 254 15.86 23.74 -33.76
C PHE D 254 14.68 22.98 -33.17
N LYS D 255 14.65 21.66 -33.35
CA LYS D 255 13.65 20.81 -32.71
C LYS D 255 14.22 20.26 -31.39
N SER D 256 13.41 20.28 -30.34
CA SER D 256 13.92 19.92 -29.02
C SER D 256 14.25 18.43 -28.97
N VAL D 257 15.35 18.10 -28.31
CA VAL D 257 15.78 16.71 -28.29
C VAL D 257 14.98 15.92 -27.25
N LYS D 258 14.49 14.77 -27.67
CA LYS D 258 13.82 13.82 -26.78
C LYS D 258 14.90 12.91 -26.19
N HIS D 259 14.92 12.81 -24.87
CA HIS D 259 16.00 12.12 -24.17
C HIS D 259 15.45 11.43 -22.91
N ARG D 260 16.24 10.50 -22.39
CA ARG D 260 15.85 9.71 -21.23
C ARG D 260 17.13 9.19 -20.59
N VAL D 261 17.00 8.68 -19.38
CA VAL D 261 18.12 8.07 -18.68
C VAL D 261 17.76 6.65 -18.30
N VAL D 262 18.65 5.72 -18.60
CA VAL D 262 18.49 4.31 -18.28
C VAL D 262 19.47 4.03 -17.15
N ALA D 263 18.94 3.72 -15.97
CA ALA D 263 19.81 3.50 -14.82
C ALA D 263 20.83 2.39 -15.06
N ASN D 264 22.03 2.58 -14.51
CA ASN D 264 23.13 1.63 -14.63
C ASN D 264 23.06 0.66 -13.46
N SER D 265 22.89 -0.63 -13.74
CA SER D 265 22.52 -1.56 -12.67
C SER D 265 23.61 -1.70 -11.61
N LEU D 266 24.87 -1.47 -11.99
CA LEU D 266 26.02 -1.63 -11.09
C LEU D 266 26.57 -0.35 -10.52
N LYS D 267 26.42 0.78 -11.23
CA LYS D 267 27.15 2.03 -11.03
C LYS D 267 26.21 3.10 -10.52
N SER D 268 26.75 4.13 -9.87
CA SER D 268 25.94 5.26 -9.44
C SER D 268 26.21 6.42 -10.39
N ARG D 269 25.14 6.99 -10.95
CA ARG D 269 25.25 8.11 -11.87
C ARG D 269 24.73 9.38 -11.21
N VAL D 270 25.55 10.42 -11.19
CA VAL D 270 25.18 11.67 -10.54
C VAL D 270 25.28 12.78 -11.58
N SER D 271 24.19 13.54 -11.75
CA SER D 271 24.01 14.53 -12.80
C SER D 271 23.64 15.88 -12.19
N PHE D 272 24.06 16.95 -12.87
CA PHE D 272 23.68 18.33 -12.58
C PHE D 272 23.07 18.88 -13.85
N ILE D 273 21.89 19.49 -13.76
CA ILE D 273 21.29 20.08 -14.95
C ILE D 273 20.79 21.46 -14.61
N TYR D 274 21.30 22.44 -15.34
CA TYR D 274 20.77 23.79 -15.40
C TYR D 274 19.74 23.86 -16.53
N PHE D 275 18.60 24.50 -16.22
CA PHE D 275 17.51 24.73 -17.17
C PHE D 275 17.34 26.24 -17.30
N GLY D 276 17.54 26.75 -18.51
CA GLY D 276 17.40 28.16 -18.79
C GLY D 276 16.03 28.49 -19.33
N GLY D 277 15.18 29.11 -18.48
CA GLY D 277 13.91 29.59 -18.94
C GLY D 277 13.79 31.09 -18.79
N PRO D 278 12.85 31.70 -19.51
CA PRO D 278 12.65 33.16 -19.43
C PRO D 278 11.91 33.56 -18.16
N PRO D 279 11.59 34.85 -17.97
CA PRO D 279 10.68 35.23 -16.88
C PRO D 279 9.26 34.78 -17.21
N LEU D 280 8.47 34.61 -16.15
CA LEU D 280 7.14 34.04 -16.30
C LEU D 280 6.29 34.85 -17.27
N ALA D 281 6.37 36.19 -17.19
CA ALA D 281 5.59 37.06 -18.08
C ALA D 281 6.00 36.91 -19.56
N GLN D 282 7.13 36.31 -19.86
CA GLN D 282 7.67 36.40 -21.22
C GLN D 282 6.69 35.81 -22.23
N ARG D 283 6.32 36.61 -23.22
CA ARG D 283 5.56 36.13 -24.36
C ARG D 283 6.55 35.40 -25.27
N ILE D 284 6.18 34.21 -25.72
CA ILE D 284 7.09 33.29 -26.40
C ILE D 284 6.58 33.07 -27.82
N ALA D 285 7.39 33.46 -28.79
CA ALA D 285 7.00 33.39 -30.20
C ALA D 285 8.28 33.34 -31.02
N PRO D 286 8.18 32.97 -32.30
CA PRO D 286 9.36 33.04 -33.16
C PRO D 286 10.02 34.41 -33.02
N LEU D 287 11.31 34.42 -32.80
CA LEU D 287 12.03 35.68 -32.77
C LEU D 287 11.75 36.43 -34.07
N PRO D 288 11.53 37.76 -34.02
CA PRO D 288 11.21 38.47 -35.28
C PRO D 288 12.29 38.32 -36.33
N GLN D 289 13.57 38.36 -35.92
CA GLN D 289 14.69 38.34 -36.85
C GLN D 289 14.72 37.12 -37.77
N LEU D 290 13.98 36.04 -37.48
CA LEU D 290 14.18 34.78 -38.20
C LEU D 290 12.97 34.37 -39.03
N LEU D 291 12.14 35.32 -39.44
CA LEU D 291 10.96 35.03 -40.25
C LEU D 291 11.19 35.35 -41.75
N SER D 297 4.72 31.85 -38.54
CA SER D 297 4.81 31.21 -37.22
C SER D 297 3.91 30.00 -37.11
N LEU D 298 4.45 28.90 -36.59
CA LEU D 298 3.71 27.65 -36.52
C LEU D 298 2.97 27.46 -35.20
N TYR D 299 3.15 28.37 -34.24
CA TYR D 299 2.72 28.18 -32.86
C TYR D 299 1.76 29.29 -32.44
N LYS D 300 0.78 28.93 -31.60
CA LYS D 300 -0.15 29.89 -31.01
C LYS D 300 0.60 30.77 -30.01
N GLU D 301 0.04 31.94 -29.73
CA GLU D 301 0.68 32.87 -28.81
C GLU D 301 0.50 32.32 -27.39
N PHE D 302 1.59 32.29 -26.63
CA PHE D 302 1.51 31.85 -25.23
C PHE D 302 2.67 32.44 -24.45
N THR D 303 2.51 32.47 -23.14
CA THR D 303 3.53 32.97 -22.23
C THR D 303 4.20 31.79 -21.53
N TRP D 304 5.40 32.03 -20.99
CA TRP D 304 6.16 30.95 -20.36
C TRP D 304 5.43 30.41 -19.14
N ASP D 305 4.84 31.31 -18.34
CA ASP D 305 3.93 30.86 -17.28
C ASP D 305 2.90 29.88 -17.80
N GLU D 306 2.34 30.15 -18.99
CA GLU D 306 1.29 29.30 -19.51
C GLU D 306 1.84 27.93 -19.88
N TYR D 307 2.97 27.93 -20.59
CA TYR D 307 3.57 26.67 -21.00
C TYR D 307 3.99 25.88 -19.76
N LYS D 308 4.49 26.58 -18.73
CA LYS D 308 4.96 25.87 -17.54
C LYS D 308 3.84 25.17 -16.80
N LYS D 309 2.76 25.91 -16.49
CA LYS D 309 1.59 25.32 -15.83
C LYS D 309 0.98 24.20 -16.66
N ALA D 310 0.88 24.40 -17.98
CA ALA D 310 0.38 23.31 -18.81
C ALA D 310 1.35 22.14 -18.79
N ALA D 311 2.64 22.41 -18.66
CA ALA D 311 3.59 21.30 -18.64
C ALA D 311 3.36 20.44 -17.40
N TYR D 312 3.08 21.09 -16.27
CA TYR D 312 2.93 20.36 -15.02
C TYR D 312 1.62 19.62 -14.95
N LYS D 313 0.65 19.95 -15.80
CA LYS D 313 -0.56 19.17 -15.95
C LYS D 313 -0.36 17.94 -16.81
N SER D 314 0.83 17.71 -17.35
CA SER D 314 1.03 16.65 -18.31
C SER D 314 1.87 15.51 -17.73
N ARG D 315 1.95 14.44 -18.50
CA ARG D 315 2.85 13.34 -18.23
C ARG D 315 4.18 13.55 -18.97
N LEU D 316 5.26 13.12 -18.32
CA LEU D 316 6.62 13.29 -18.83
C LEU D 316 6.73 13.06 -20.33
N GLY D 317 6.24 11.93 -20.79
CA GLY D 317 6.38 11.61 -22.19
C GLY D 317 5.45 12.34 -23.12
N ASP D 318 4.56 13.22 -22.63
CA ASP D 318 3.65 13.90 -23.53
C ASP D 318 4.38 14.89 -24.44
N ASN D 319 3.87 15.02 -25.67
CA ASN D 319 4.27 16.09 -26.59
C ASN D 319 3.60 17.40 -26.14
N ARG D 320 4.25 18.09 -25.20
CA ARG D 320 3.67 19.30 -24.65
C ARG D 320 3.57 20.42 -25.70
N LEU D 321 4.32 20.31 -26.79
CA LEU D 321 4.32 21.41 -27.75
C LEU D 321 3.12 21.38 -28.70
N ALA D 322 2.39 20.27 -28.76
CA ALA D 322 1.25 20.17 -29.68
C ALA D 322 0.11 21.08 -29.27
N GLN D 323 -0.33 21.02 -28.01
CA GLN D 323 -1.49 21.84 -27.69
C GLN D 323 -1.19 23.32 -27.86
N PHE D 324 0.02 23.67 -28.35
CA PHE D 324 0.35 25.05 -28.75
C PHE D 324 0.68 25.15 -30.24
N GLU D 325 0.39 24.12 -31.04
CA GLU D 325 0.57 24.16 -32.49
C GLU D 325 -0.75 24.54 -33.19
N LYS D 326 -0.61 25.09 -34.41
CA LYS D 326 -1.74 25.57 -35.22
C LYS D 326 -2.54 24.40 -35.84
#